data_1O93
#
_entry.id   1O93
#
_cell.length_a   115.200
_cell.length_b   115.200
_cell.length_c   160.890
_cell.angle_alpha   90.00
_cell.angle_beta   90.00
_cell.angle_gamma   90.00
#
_symmetry.space_group_name_H-M   'P 41 2 2'
#
loop_
_entity.id
_entity.type
_entity.pdbx_description
1 polymer 'S-ADENOSYLMETHIONINE SYNTHETASE'
2 non-polymer '(2S,4S)-2-AMINO-4,5-EPOXIPENTANOIC ACID'
3 non-polymer 'PHOSPHATE ION'
4 non-polymer 'MAGNESIUM ION'
5 non-polymer 'POTASSIUM ION'
6 non-polymer "ADENOSINE-5'-TRIPHOSPHATE"
7 water water
#
_entity_poly.entity_id   1
_entity_poly.type   'polypeptide(L)'
_entity_poly.pdbx_seq_one_letter_code
;MNGPVDGLCDHSLSEEGAFMFTSESVGEGHPDKICDQISDAVLDAHLKQDPNAKVACETVCKTGMVLLCGEITSMAMIDY
QRVVRDTIKHIGYDDSAKGFDFKTCNVLVALEQQSPDIAQCVHLDRNEEDVGAGDQGLMFGYATDETEECMPLTIVLAHK
LNTRMADLRRSGVLPWLRPDSKTQVTVQYVQDNGAVIPVRVHTIVISVQHNEDITLEAMREALKEQVIKAVVPAKYLDED
TIYHLQPSGRFVIGGPQGDAGVTGRKIIVDTYGGWGAHGGGAFSGKDYTKVDRSAAYAARWVAKSLVKAGLCRRVLVQVS
YAIGVAEPLSISIFTYGTSKKTERELLEVVNKNFDLRPGVIVRDLDLKKPIYQKTACYGHFGRSEFPWEVPKKLVF
;
_entity_poly.pdbx_strand_id   A,B
#
loop_
_chem_comp.id
_chem_comp.type
_chem_comp.name
_chem_comp.formula
ATP non-polymer ADENOSINE-5'-TRIPHOSPHATE 'C10 H16 N5 O13 P3'
K non-polymer 'POTASSIUM ION' 'K 1'
LIS non-polymer '(2S,4S)-2-AMINO-4,5-EPOXIPENTANOIC ACID' 'C5 H9 N O3'
MG non-polymer 'MAGNESIUM ION' 'Mg 2'
PO4 non-polymer 'PHOSPHATE ION' 'O4 P -3'
#
# COMPACT_ATOMS: atom_id res chain seq x y z
N GLY A 17 28.72 -3.49 -1.20
CA GLY A 17 27.87 -4.46 -1.97
C GLY A 17 26.80 -3.79 -2.79
N ALA A 18 27.20 -2.74 -3.52
CA ALA A 18 26.36 -1.90 -4.36
C ALA A 18 25.02 -2.48 -4.85
N PHE A 19 24.12 -1.48 -4.90
CA PHE A 19 22.71 -1.57 -5.32
C PHE A 19 22.13 -0.15 -5.26
N MET A 20 21.04 0.10 -5.94
CA MET A 20 20.42 1.43 -5.91
C MET A 20 18.98 1.32 -5.43
N PHE A 21 18.45 2.44 -4.97
CA PHE A 21 17.08 2.50 -4.44
C PHE A 21 16.40 3.82 -4.73
N THR A 22 15.09 3.76 -4.90
CA THR A 22 14.28 4.92 -5.20
C THR A 22 13.08 5.01 -4.28
N SER A 23 12.69 6.22 -3.94
CA SER A 23 11.54 6.47 -3.09
C SER A 23 10.83 7.72 -3.57
N GLU A 24 9.58 7.87 -3.17
CA GLU A 24 8.80 9.02 -3.59
C GLU A 24 7.99 9.63 -2.48
N SER A 25 7.46 10.81 -2.74
CA SER A 25 6.64 11.56 -1.80
C SER A 25 5.79 12.54 -2.58
N VAL A 26 4.70 12.97 -1.96
CA VAL A 26 3.81 13.92 -2.59
C VAL A 26 3.52 15.09 -1.68
N GLY A 27 3.19 16.23 -2.29
CA GLY A 27 2.90 17.42 -1.53
C GLY A 27 1.52 17.40 -0.92
N GLU A 28 1.21 18.43 -0.15
CA GLU A 28 -0.08 18.55 0.52
C GLU A 28 -1.23 18.73 -0.47
N GLY A 29 -0.90 19.06 -1.71
CA GLY A 29 -1.93 19.26 -2.71
C GLY A 29 -2.31 18.02 -3.50
N HIS A 30 -1.54 16.95 -3.34
CA HIS A 30 -1.82 15.72 -4.05
C HIS A 30 -3.19 15.22 -3.58
N PRO A 31 -4.09 14.93 -4.52
CA PRO A 31 -5.45 14.45 -4.26
C PRO A 31 -5.56 13.47 -3.10
N ASP A 32 -4.76 12.41 -3.15
CA ASP A 32 -4.77 11.42 -2.09
C ASP A 32 -4.39 12.00 -0.74
N LYS A 33 -3.38 12.85 -0.73
CA LYS A 33 -2.94 13.47 0.51
C LYS A 33 -3.90 14.51 1.07
N ILE A 34 -4.73 15.08 0.21
CA ILE A 34 -5.72 16.04 0.67
C ILE A 34 -6.75 15.30 1.48
N CYS A 35 -7.09 14.10 1.01
CA CYS A 35 -8.06 13.25 1.67
C CYS A 35 -7.50 12.70 2.97
N ASP A 36 -6.21 12.38 2.97
CA ASP A 36 -5.56 11.86 4.18
C ASP A 36 -5.60 12.94 5.25
N GLN A 37 -5.32 14.17 4.84
CA GLN A 37 -5.32 15.32 5.74
C GLN A 37 -6.71 15.68 6.24
N ILE A 38 -7.66 15.75 5.33
CA ILE A 38 -9.04 16.07 5.70
C ILE A 38 -9.56 15.05 6.69
N SER A 39 -9.29 13.78 6.43
CA SER A 39 -9.74 12.70 7.30
C SER A 39 -9.12 12.81 8.69
N ASP A 40 -7.85 13.19 8.74
CA ASP A 40 -7.18 13.34 10.02
C ASP A 40 -7.57 14.64 10.70
N ALA A 41 -8.01 15.62 9.91
CA ALA A 41 -8.44 16.91 10.43
C ALA A 41 -9.72 16.66 11.21
N VAL A 42 -10.57 15.80 10.67
CA VAL A 42 -11.83 15.47 11.32
C VAL A 42 -11.53 14.68 12.59
N LEU A 43 -10.45 13.91 12.58
CA LEU A 43 -10.04 13.14 13.74
C LEU A 43 -9.55 14.09 14.84
N ASP A 44 -8.79 15.10 14.45
CA ASP A 44 -8.27 16.08 15.38
C ASP A 44 -9.43 16.85 15.99
N ALA A 45 -10.33 17.31 15.12
CA ALA A 45 -11.50 18.07 15.54
C ALA A 45 -12.33 17.37 16.60
N HIS A 46 -12.28 16.04 16.63
CA HIS A 46 -13.04 15.30 17.63
C HIS A 46 -12.27 15.08 18.91
N LEU A 47 -10.98 14.81 18.78
CA LEU A 47 -10.12 14.57 19.93
C LEU A 47 -10.05 15.77 20.86
N LYS A 48 -10.10 16.96 20.28
CA LYS A 48 -10.03 18.20 21.06
C LYS A 48 -11.19 18.38 22.03
N GLN A 49 -12.34 17.80 21.70
CA GLN A 49 -13.53 17.93 22.54
C GLN A 49 -13.93 16.61 23.20
N ASP A 50 -13.32 15.52 22.75
CA ASP A 50 -13.62 14.19 23.28
C ASP A 50 -12.48 13.26 22.89
N PRO A 51 -11.45 13.16 23.74
CA PRO A 51 -10.27 12.33 23.57
C PRO A 51 -10.56 10.85 23.47
N ASN A 52 -11.83 10.50 23.64
CA ASN A 52 -12.22 9.10 23.54
C ASN A 52 -13.12 8.90 22.35
N ALA A 53 -13.21 9.93 21.51
CA ALA A 53 -14.02 9.88 20.31
C ALA A 53 -13.56 8.72 19.42
N LYS A 54 -14.53 7.96 18.92
CA LYS A 54 -14.22 6.85 18.04
C LYS A 54 -14.37 7.32 16.60
N VAL A 55 -13.24 7.49 15.94
CA VAL A 55 -13.21 7.96 14.57
C VAL A 55 -12.81 6.92 13.55
N ALA A 56 -13.61 6.85 12.50
CA ALA A 56 -13.41 5.93 11.40
C ALA A 56 -14.04 6.59 10.19
N CYS A 57 -13.28 7.47 9.56
CA CYS A 57 -13.77 8.19 8.39
C CYS A 57 -12.73 8.24 7.29
N GLU A 58 -13.19 8.53 6.08
CA GLU A 58 -12.33 8.65 4.90
C GLU A 58 -12.91 9.72 3.98
N THR A 59 -12.06 10.24 3.09
CA THR A 59 -12.45 11.30 2.17
C THR A 59 -12.18 10.94 0.73
N VAL A 60 -12.98 11.52 -0.16
CA VAL A 60 -12.83 11.32 -1.61
C VAL A 60 -13.00 12.70 -2.23
N CYS A 61 -12.12 13.05 -3.18
CA CYS A 61 -12.22 14.36 -3.81
C CYS A 61 -12.06 14.27 -5.32
N LYS A 62 -12.62 15.26 -6.00
CA LYS A 62 -12.55 15.31 -7.45
C LYS A 62 -13.01 16.67 -7.96
N THR A 63 -12.05 17.52 -8.30
CA THR A 63 -12.29 18.86 -8.83
C THR A 63 -13.37 19.67 -8.12
N GLY A 64 -13.04 20.30 -7.00
CA GLY A 64 -14.02 21.08 -6.28
C GLY A 64 -15.23 20.28 -5.83
N MET A 65 -14.95 19.06 -5.38
CA MET A 65 -15.99 18.17 -4.89
C MET A 65 -15.34 17.23 -3.88
N VAL A 66 -15.69 17.42 -2.62
CA VAL A 66 -15.14 16.64 -1.53
C VAL A 66 -16.25 15.85 -0.86
N LEU A 67 -16.03 14.55 -0.70
CA LEU A 67 -17.00 13.68 -0.08
C LEU A 67 -16.46 13.11 1.23
N LEU A 68 -17.11 13.45 2.33
CA LEU A 68 -16.71 12.97 3.63
C LEU A 68 -17.60 11.79 3.99
N CYS A 69 -17.00 10.63 4.14
CA CYS A 69 -17.73 9.42 4.49
C CYS A 69 -17.21 8.94 5.83
N GLY A 70 -17.96 8.06 6.49
CA GLY A 70 -17.48 7.56 7.76
C GLY A 70 -18.49 7.33 8.86
N GLU A 71 -18.02 6.60 9.87
CA GLU A 71 -18.80 6.24 11.05
C GLU A 71 -17.99 6.69 12.26
N ILE A 72 -18.45 7.72 12.95
CA ILE A 72 -17.74 8.19 14.12
C ILE A 72 -18.61 8.36 15.35
N THR A 73 -18.27 7.59 16.37
CA THR A 73 -19.00 7.63 17.63
C THR A 73 -18.26 8.59 18.54
N SER A 74 -18.81 9.79 18.69
CA SER A 74 -18.21 10.82 19.52
C SER A 74 -19.27 11.69 20.18
N MET A 75 -18.81 12.52 21.11
CA MET A 75 -19.67 13.44 21.83
C MET A 75 -19.03 14.82 21.80
N ALA A 76 -18.97 15.38 20.60
CA ALA A 76 -18.39 16.70 20.39
C ALA A 76 -19.12 17.36 19.23
N MET A 77 -19.30 18.68 19.32
CA MET A 77 -19.98 19.40 18.25
C MET A 77 -18.99 19.93 17.23
N ILE A 78 -19.02 19.33 16.05
CA ILE A 78 -18.12 19.71 14.97
C ILE A 78 -18.82 20.20 13.72
N ASP A 79 -18.25 21.25 13.11
CA ASP A 79 -18.76 21.82 11.88
C ASP A 79 -17.89 21.23 10.76
N TYR A 80 -18.34 20.11 10.20
CA TYR A 80 -17.60 19.44 9.13
C TYR A 80 -17.30 20.32 7.93
N GLN A 81 -18.18 21.25 7.62
CA GLN A 81 -17.96 22.16 6.51
C GLN A 81 -16.71 22.97 6.83
N ARG A 82 -16.65 23.44 8.06
CA ARG A 82 -15.53 24.23 8.55
C ARG A 82 -14.21 23.46 8.57
N VAL A 83 -14.23 22.24 9.10
CA VAL A 83 -13.01 21.45 9.18
C VAL A 83 -12.50 20.97 7.82
N VAL A 84 -13.39 20.83 6.85
CA VAL A 84 -12.97 20.40 5.52
C VAL A 84 -12.42 21.59 4.75
N ARG A 85 -13.18 22.69 4.76
CA ARG A 85 -12.77 23.89 4.06
C ARG A 85 -11.52 24.54 4.64
N ASP A 86 -11.37 24.47 5.96
CA ASP A 86 -10.17 25.02 6.59
C ASP A 86 -8.95 24.24 6.17
N THR A 87 -9.11 22.93 6.04
CA THR A 87 -8.00 22.07 5.65
C THR A 87 -7.59 22.33 4.21
N ILE A 88 -8.57 22.61 3.36
CA ILE A 88 -8.30 22.90 1.96
C ILE A 88 -7.60 24.25 1.86
N LYS A 89 -7.98 25.16 2.74
CA LYS A 89 -7.39 26.50 2.77
C LYS A 89 -5.93 26.40 3.20
N HIS A 90 -5.70 25.63 4.26
CA HIS A 90 -4.36 25.42 4.81
C HIS A 90 -3.42 24.89 3.75
N ILE A 91 -3.93 23.98 2.92
CA ILE A 91 -3.15 23.38 1.86
C ILE A 91 -2.76 24.42 0.80
N GLY A 92 -3.54 25.48 0.67
CA GLY A 92 -3.21 26.52 -0.29
C GLY A 92 -4.19 26.65 -1.43
N TYR A 93 -5.36 26.04 -1.29
CA TYR A 93 -6.39 26.12 -2.32
C TYR A 93 -7.41 27.19 -1.98
N ASP A 94 -7.12 28.41 -2.40
CA ASP A 94 -7.98 29.57 -2.16
C ASP A 94 -8.45 30.23 -3.44
N ASP A 95 -7.72 30.01 -4.53
CA ASP A 95 -8.09 30.59 -5.81
C ASP A 95 -8.68 29.54 -6.74
N SER A 96 -9.44 30.01 -7.73
CA SER A 96 -10.11 29.16 -8.70
C SER A 96 -9.19 28.27 -9.57
N ALA A 97 -8.36 28.92 -10.39
CA ALA A 97 -7.44 28.23 -11.31
C ALA A 97 -6.52 27.15 -10.73
N LYS A 98 -6.36 27.13 -9.41
CA LYS A 98 -5.51 26.14 -8.76
C LYS A 98 -6.09 24.73 -8.72
N GLY A 99 -7.36 24.60 -9.11
CA GLY A 99 -8.01 23.30 -9.13
C GLY A 99 -8.81 23.01 -7.88
N PHE A 100 -8.93 24.02 -7.02
CA PHE A 100 -9.67 23.90 -5.77
C PHE A 100 -9.74 25.25 -5.06
N ASP A 101 -10.92 25.55 -4.50
CA ASP A 101 -11.12 26.80 -3.77
C ASP A 101 -12.04 26.45 -2.61
N PHE A 102 -11.50 26.50 -1.39
CA PHE A 102 -12.26 26.17 -0.20
C PHE A 102 -13.56 26.94 -0.04
N LYS A 103 -13.66 28.09 -0.68
CA LYS A 103 -14.87 28.90 -0.58
C LYS A 103 -15.95 28.46 -1.55
N THR A 104 -15.56 27.81 -2.62
CA THR A 104 -16.50 27.39 -3.66
C THR A 104 -16.70 25.90 -3.87
N CYS A 105 -15.76 25.07 -3.42
CA CYS A 105 -15.87 23.63 -3.63
C CYS A 105 -17.07 23.00 -2.93
N ASN A 106 -17.54 21.89 -3.50
CA ASN A 106 -18.66 21.14 -2.98
C ASN A 106 -18.20 20.18 -1.89
N VAL A 107 -18.70 20.39 -0.69
CA VAL A 107 -18.35 19.52 0.44
C VAL A 107 -19.57 18.71 0.83
N LEU A 108 -19.68 17.52 0.25
CA LEU A 108 -20.80 16.62 0.52
C LEU A 108 -20.45 15.74 1.73
N VAL A 109 -21.14 15.96 2.83
CA VAL A 109 -20.90 15.19 4.05
C VAL A 109 -21.92 14.08 4.23
N ALA A 110 -21.46 12.84 4.09
CA ALA A 110 -22.31 11.65 4.25
C ALA A 110 -21.89 10.87 5.50
N LEU A 111 -21.38 11.64 6.45
CA LEU A 111 -20.86 11.15 7.74
C LEU A 111 -21.99 10.80 8.71
N GLU A 112 -21.82 9.69 9.41
CA GLU A 112 -22.80 9.21 10.41
C GLU A 112 -22.19 9.40 11.80
N GLN A 113 -22.79 10.22 12.65
CA GLN A 113 -22.22 10.43 13.99
C GLN A 113 -23.16 10.08 15.16
N GLN A 114 -22.76 9.10 15.97
CA GLN A 114 -23.54 8.70 17.15
C GLN A 114 -23.23 9.65 18.32
N SER A 115 -23.37 9.14 19.54
CA SER A 115 -23.10 9.96 20.71
C SER A 115 -22.39 9.28 21.90
N PRO A 116 -22.84 8.08 22.33
CA PRO A 116 -22.23 7.36 23.45
C PRO A 116 -21.12 6.38 23.04
N GLU A 129 -5.83 -0.13 30.17
CA GLU A 129 -4.38 -0.43 30.04
C GLU A 129 -4.21 -1.82 29.44
N ASP A 130 -5.05 -2.74 29.89
CA ASP A 130 -5.01 -4.12 29.42
C ASP A 130 -6.22 -4.43 28.54
N VAL A 131 -6.57 -3.48 27.67
CA VAL A 131 -7.73 -3.59 26.78
C VAL A 131 -7.81 -4.88 25.97
N GLY A 132 -6.97 -5.00 24.94
CA GLY A 132 -7.00 -6.18 24.10
C GLY A 132 -7.06 -5.78 22.65
N ALA A 133 -6.04 -6.16 21.89
CA ALA A 133 -5.92 -5.82 20.48
C ALA A 133 -7.08 -6.24 19.58
N GLY A 134 -7.63 -5.26 18.85
CA GLY A 134 -8.69 -5.54 17.88
C GLY A 134 -8.06 -6.07 16.59
N ASP A 135 -8.66 -7.09 16.00
CA ASP A 135 -8.28 -7.67 14.72
C ASP A 135 -6.88 -8.28 14.77
N GLN A 136 -6.77 -9.59 14.54
CA GLN A 136 -5.48 -10.20 14.24
C GLN A 136 -4.62 -9.21 13.44
N GLY A 137 -3.37 -9.04 13.84
CA GLY A 137 -2.54 -8.11 13.12
C GLY A 137 -1.06 -8.42 13.18
N LEU A 138 -0.31 -7.74 12.32
CA LEU A 138 1.13 -7.90 12.23
C LEU A 138 1.70 -6.56 11.79
N MET A 139 2.25 -5.81 12.74
CA MET A 139 2.83 -4.51 12.43
C MET A 139 4.35 -4.59 12.29
N PHE A 140 4.88 -3.74 11.44
CA PHE A 140 6.31 -3.68 11.18
C PHE A 140 6.93 -2.37 11.65
N GLY A 141 8.22 -2.41 11.97
CA GLY A 141 8.93 -1.23 12.42
C GLY A 141 10.29 -1.24 11.75
N TYR A 142 10.78 -0.08 11.37
CA TYR A 142 12.07 -0.01 10.70
C TYR A 142 12.88 1.22 11.08
N ALA A 143 14.20 1.05 11.05
CA ALA A 143 15.11 2.12 11.38
C ALA A 143 16.51 1.79 10.88
N THR A 144 17.23 2.82 10.47
CA THR A 144 18.60 2.66 9.95
C THR A 144 19.36 3.92 10.32
N ASP A 145 20.66 3.78 10.61
CA ASP A 145 21.48 4.93 11.01
C ASP A 145 22.06 5.80 9.89
N GLU A 146 21.61 5.61 8.65
CA GLU A 146 22.13 6.37 7.52
C GLU A 146 21.80 7.86 7.57
N THR A 147 20.87 8.24 8.43
CA THR A 147 20.47 9.64 8.60
C THR A 147 20.16 9.84 10.07
N GLU A 148 20.18 11.09 10.55
CA GLU A 148 19.88 11.36 11.95
C GLU A 148 18.43 11.02 12.31
N GLU A 149 17.54 11.02 11.32
CA GLU A 149 16.13 10.69 11.56
C GLU A 149 15.91 9.21 11.78
N CYS A 150 16.90 8.39 11.40
CA CYS A 150 16.84 6.94 11.50
C CYS A 150 15.89 6.38 10.45
N MET A 151 15.85 7.07 9.30
CA MET A 151 15.01 6.70 8.19
C MET A 151 15.85 6.67 6.91
N PRO A 152 15.42 5.89 5.90
CA PRO A 152 16.16 5.77 4.63
C PRO A 152 16.40 7.15 4.01
N LEU A 153 17.62 7.38 3.53
CA LEU A 153 17.96 8.67 2.94
C LEU A 153 17.03 9.01 1.79
N THR A 154 16.77 8.02 0.96
CA THR A 154 15.91 8.17 -0.20
C THR A 154 14.53 8.77 0.12
N ILE A 155 13.87 8.25 1.14
CA ILE A 155 12.56 8.75 1.51
C ILE A 155 12.63 10.06 2.30
N VAL A 156 13.70 10.23 3.08
CA VAL A 156 13.88 11.45 3.86
C VAL A 156 14.06 12.63 2.93
N LEU A 157 14.91 12.48 1.92
CA LEU A 157 15.16 13.52 0.95
C LEU A 157 13.90 13.80 0.15
N ALA A 158 13.18 12.74 -0.19
CA ALA A 158 11.94 12.86 -0.95
C ALA A 158 10.92 13.70 -0.20
N HIS A 159 10.82 13.49 1.11
CA HIS A 159 9.90 14.24 1.94
C HIS A 159 10.36 15.67 2.10
N LYS A 160 11.63 15.84 2.51
CA LYS A 160 12.20 17.16 2.70
C LYS A 160 12.12 18.04 1.46
N LEU A 161 12.22 17.42 0.29
CA LEU A 161 12.15 18.14 -0.96
C LEU A 161 10.78 18.80 -1.10
N ASN A 162 9.72 18.05 -0.78
CA ASN A 162 8.36 18.56 -0.83
C ASN A 162 8.13 19.60 0.27
N THR A 163 8.71 19.34 1.45
CA THR A 163 8.58 20.24 2.59
C THR A 163 9.12 21.63 2.27
N ARG A 164 10.30 21.67 1.68
CA ARG A 164 10.94 22.92 1.31
C ARG A 164 10.10 23.73 0.34
N MET A 165 9.49 23.07 -0.62
CA MET A 165 8.68 23.75 -1.62
C MET A 165 7.47 24.42 -0.99
N ALA A 166 6.93 23.81 0.05
CA ALA A 166 5.79 24.36 0.76
C ALA A 166 6.24 25.59 1.54
N ASP A 167 7.46 25.53 2.05
CA ASP A 167 8.00 26.65 2.81
C ASP A 167 8.14 27.85 1.91
N LEU A 168 8.80 27.66 0.77
CA LEU A 168 9.01 28.73 -0.20
C LEU A 168 7.69 29.25 -0.73
N ARG A 169 6.68 28.37 -0.76
CA ARG A 169 5.35 28.72 -1.22
C ARG A 169 4.71 29.64 -0.18
N ARG A 170 4.74 29.20 1.08
CA ARG A 170 4.13 29.95 2.17
C ARG A 170 4.90 31.19 2.62
N SER A 171 6.21 31.21 2.35
CA SER A 171 7.02 32.36 2.73
C SER A 171 6.84 33.47 1.71
N GLY A 172 6.83 33.10 0.44
CA GLY A 172 6.67 34.08 -0.62
C GLY A 172 7.84 34.04 -1.57
N VAL A 173 8.90 33.36 -1.16
CA VAL A 173 10.13 33.23 -1.95
C VAL A 173 9.88 32.74 -3.37
N LEU A 174 9.02 31.72 -3.49
CA LEU A 174 8.65 31.17 -4.80
C LEU A 174 7.12 31.23 -4.83
N PRO A 175 6.54 32.39 -5.19
CA PRO A 175 5.11 32.63 -5.26
C PRO A 175 4.36 31.97 -6.42
N TRP A 176 5.10 31.30 -7.31
CA TRP A 176 4.49 30.62 -8.43
C TRP A 176 4.18 29.17 -8.10
N LEU A 177 4.79 28.72 -7.01
CA LEU A 177 4.62 27.37 -6.52
C LEU A 177 3.19 27.13 -6.03
N ARG A 178 2.61 26.00 -6.44
CA ARG A 178 1.25 25.60 -6.06
C ARG A 178 1.29 24.30 -5.24
N PRO A 179 0.23 24.04 -4.44
CA PRO A 179 0.14 22.88 -3.53
C PRO A 179 0.52 21.48 -4.01
N ASP A 180 0.02 21.08 -5.19
CA ASP A 180 0.29 19.74 -5.70
C ASP A 180 1.70 19.53 -6.25
N SER A 181 2.36 18.49 -5.74
CA SER A 181 3.71 18.15 -6.15
C SER A 181 4.00 16.67 -5.94
N LYS A 182 5.03 16.17 -6.63
CA LYS A 182 5.47 14.79 -6.52
C LYS A 182 6.99 14.77 -6.56
N THR A 183 7.58 13.94 -5.72
CA THR A 183 9.04 13.86 -5.64
C THR A 183 9.50 12.41 -5.62
N GLN A 184 10.63 12.21 -6.28
CA GLN A 184 11.29 10.90 -6.37
C GLN A 184 12.79 11.09 -6.25
N VAL A 185 13.37 10.33 -5.34
CA VAL A 185 14.80 10.40 -5.11
C VAL A 185 15.41 9.00 -5.19
N THR A 186 16.39 8.83 -6.07
CA THR A 186 17.06 7.55 -6.19
C THR A 186 18.53 7.71 -5.82
N VAL A 187 18.95 6.98 -4.79
CA VAL A 187 20.31 7.04 -4.28
C VAL A 187 21.06 5.73 -4.46
N GLN A 188 22.34 5.85 -4.82
CA GLN A 188 23.19 4.67 -5.00
C GLN A 188 23.76 4.27 -3.65
N TYR A 189 23.62 3.00 -3.30
CA TYR A 189 24.14 2.55 -2.05
C TYR A 189 25.25 1.52 -2.13
N VAL A 190 25.64 1.01 -0.96
CA VAL A 190 26.72 0.06 -0.78
C VAL A 190 26.60 -0.49 0.64
N GLN A 191 26.57 -1.82 0.77
CA GLN A 191 26.48 -2.45 2.07
C GLN A 191 27.75 -2.24 2.88
N ASP A 192 27.77 -2.75 4.12
CA ASP A 192 28.93 -2.60 4.97
C ASP A 192 28.87 -3.53 6.16
N ASN A 193 29.42 -4.74 5.97
CA ASN A 193 29.47 -5.80 6.99
C ASN A 193 28.44 -5.57 8.08
N GLY A 194 27.27 -5.28 7.60
CA GLY A 194 26.11 -5.00 8.42
C GLY A 194 25.02 -4.55 7.48
N ALA A 195 25.04 -3.26 7.16
CA ALA A 195 24.06 -2.77 6.21
C ALA A 195 23.94 -1.25 6.02
N VAL A 196 23.55 -1.07 4.75
CA VAL A 196 23.10 0.12 4.02
C VAL A 196 23.75 1.48 4.33
N ILE A 197 24.67 1.84 3.46
CA ILE A 197 25.34 3.15 3.51
C ILE A 197 25.16 3.90 2.18
N PRO A 198 24.47 5.05 2.20
CA PRO A 198 24.26 5.83 0.98
C PRO A 198 25.55 6.47 0.46
N VAL A 199 25.72 6.46 -0.86
CA VAL A 199 26.92 7.02 -1.48
C VAL A 199 26.69 8.35 -2.18
N ARG A 200 25.65 8.41 -3.01
CA ARG A 200 25.34 9.64 -3.73
C ARG A 200 23.94 9.60 -4.33
N VAL A 201 23.40 10.78 -4.61
CA VAL A 201 22.08 10.89 -5.23
C VAL A 201 22.28 10.70 -6.73
N HIS A 202 21.80 9.57 -7.25
CA HIS A 202 21.93 9.25 -8.66
C HIS A 202 21.08 10.19 -9.52
N THR A 203 19.80 10.28 -9.20
CA THR A 203 18.87 11.15 -9.93
C THR A 203 17.72 11.60 -9.05
N ILE A 204 17.20 12.79 -9.37
CA ILE A 204 16.09 13.40 -8.65
C ILE A 204 15.02 13.85 -9.64
N VAL A 205 13.79 13.46 -9.37
CA VAL A 205 12.66 13.85 -10.22
C VAL A 205 11.68 14.57 -9.35
N ILE A 206 11.33 15.78 -9.76
CA ILE A 206 10.39 16.58 -9.00
C ILE A 206 9.44 17.32 -9.94
N SER A 207 8.16 17.21 -9.63
CA SER A 207 7.09 17.84 -10.39
C SER A 207 6.23 18.63 -9.42
N VAL A 208 5.95 19.88 -9.76
CA VAL A 208 5.15 20.71 -8.89
C VAL A 208 4.18 21.58 -9.67
N GLN A 209 2.99 21.76 -9.12
CA GLN A 209 1.97 22.58 -9.77
C GLN A 209 2.46 24.02 -9.75
N HIS A 210 1.94 24.85 -10.66
CA HIS A 210 2.40 26.23 -10.73
C HIS A 210 1.44 27.21 -11.38
N ASN A 211 1.76 28.50 -11.22
CA ASN A 211 0.99 29.59 -11.80
C ASN A 211 1.42 29.76 -13.26
N GLU A 212 0.57 30.39 -14.07
CA GLU A 212 0.85 30.60 -15.49
C GLU A 212 2.05 31.50 -15.79
N ASP A 213 2.15 32.63 -15.09
CA ASP A 213 3.22 33.61 -15.31
C ASP A 213 4.57 33.23 -14.72
N ILE A 214 5.15 32.14 -15.25
CA ILE A 214 6.45 31.66 -14.82
C ILE A 214 6.95 30.64 -15.86
N THR A 215 8.11 30.95 -16.43
CA THR A 215 8.73 30.12 -17.45
C THR A 215 9.28 28.80 -16.90
N LEU A 216 9.21 27.77 -17.72
CA LEU A 216 9.70 26.41 -17.43
C LEU A 216 11.18 26.48 -17.13
N GLU A 217 11.89 27.43 -17.75
CA GLU A 217 13.32 27.57 -17.49
C GLU A 217 13.58 28.12 -16.10
N ALA A 218 12.76 29.09 -15.68
CA ALA A 218 12.91 29.69 -14.36
C ALA A 218 12.52 28.72 -13.25
N MET A 219 11.54 27.86 -13.52
CA MET A 219 11.09 26.89 -12.55
C MET A 219 12.18 25.88 -12.27
N ARG A 220 12.67 25.26 -13.33
CA ARG A 220 13.73 24.26 -13.23
C ARG A 220 15.00 24.79 -12.55
N GLU A 221 15.25 26.07 -12.70
CA GLU A 221 16.43 26.69 -12.08
C GLU A 221 16.23 26.82 -10.57
N ALA A 222 15.05 27.29 -10.22
CA ALA A 222 14.68 27.49 -8.81
C ALA A 222 14.62 26.16 -8.07
N LEU A 223 14.17 25.12 -8.75
CA LEU A 223 14.06 23.79 -8.17
C LEU A 223 15.42 23.20 -7.84
N LYS A 224 16.43 23.50 -8.67
CA LYS A 224 17.76 22.99 -8.46
C LYS A 224 18.55 23.77 -7.41
N GLU A 225 18.52 25.09 -7.50
CA GLU A 225 19.25 25.93 -6.56
C GLU A 225 18.54 26.14 -5.23
N GLN A 226 17.29 26.59 -5.28
CA GLN A 226 16.55 26.88 -4.07
C GLN A 226 15.88 25.74 -3.29
N VAL A 227 15.58 24.62 -3.93
CA VAL A 227 14.96 23.51 -3.21
C VAL A 227 15.88 22.31 -3.04
N ILE A 228 16.38 21.76 -4.15
CA ILE A 228 17.25 20.60 -4.12
C ILE A 228 18.58 20.85 -3.41
N LYS A 229 19.34 21.83 -3.86
CA LYS A 229 20.62 22.13 -3.25
C LYS A 229 20.50 22.71 -1.84
N ALA A 230 19.30 23.15 -1.47
CA ALA A 230 19.08 23.71 -0.13
C ALA A 230 18.67 22.66 0.89
N VAL A 231 18.47 21.42 0.45
CA VAL A 231 18.06 20.34 1.34
C VAL A 231 18.94 19.09 1.26
N VAL A 232 19.51 18.84 0.08
CA VAL A 232 20.37 17.67 -0.12
C VAL A 232 21.82 17.97 0.26
N PRO A 233 22.38 17.20 1.21
CA PRO A 233 23.74 17.33 1.69
C PRO A 233 24.77 17.30 0.56
N ALA A 234 25.71 18.24 0.59
CA ALA A 234 26.75 18.36 -0.42
C ALA A 234 27.40 17.04 -0.77
N LYS A 235 27.62 16.22 0.26
CA LYS A 235 28.24 14.93 0.12
C LYS A 235 27.57 14.05 -0.93
N TYR A 236 26.26 14.19 -1.09
CA TYR A 236 25.51 13.38 -2.04
C TYR A 236 25.30 13.99 -3.43
N LEU A 237 25.35 15.30 -3.54
CA LEU A 237 25.18 15.91 -4.87
C LEU A 237 26.47 15.74 -5.67
N ASP A 238 26.28 15.41 -6.95
CA ASP A 238 27.39 15.14 -7.86
C ASP A 238 27.38 16.00 -9.13
N GLU A 239 28.38 15.79 -9.98
CA GLU A 239 28.47 16.49 -11.27
C GLU A 239 27.72 15.62 -12.29
N ASP A 240 27.38 14.41 -11.87
CA ASP A 240 26.68 13.46 -12.71
C ASP A 240 25.23 13.24 -12.26
N THR A 241 24.92 13.68 -11.04
CA THR A 241 23.56 13.57 -10.50
C THR A 241 22.58 14.02 -11.58
N ILE A 242 21.58 13.19 -11.86
CA ILE A 242 20.59 13.51 -12.88
C ILE A 242 19.37 14.22 -12.32
N TYR A 243 18.98 15.32 -12.96
CA TYR A 243 17.84 16.10 -12.54
C TYR A 243 16.74 16.08 -13.60
N HIS A 244 15.52 15.81 -13.14
CA HIS A 244 14.35 15.79 -13.99
C HIS A 244 13.32 16.67 -13.28
N LEU A 245 13.41 17.97 -13.57
CA LEU A 245 12.54 18.97 -12.97
C LEU A 245 11.43 19.34 -13.95
N GLN A 246 10.18 19.11 -13.55
CA GLN A 246 9.02 19.38 -14.40
C GLN A 246 9.24 18.69 -15.75
N PRO A 247 9.45 17.37 -15.72
CA PRO A 247 9.69 16.51 -16.89
C PRO A 247 8.60 16.58 -17.94
N SER A 248 7.36 16.51 -17.48
CA SER A 248 6.19 16.54 -18.34
C SER A 248 5.81 17.96 -18.74
N GLY A 249 6.77 18.88 -18.68
CA GLY A 249 6.51 20.25 -19.04
C GLY A 249 5.71 21.04 -18.02
N ARG A 250 4.53 21.50 -18.41
CA ARG A 250 3.69 22.29 -17.52
C ARG A 250 2.74 21.42 -16.68
N PHE A 251 2.36 22.04 -15.58
CA PHE A 251 1.48 21.48 -14.54
C PHE A 251 0.85 22.67 -13.83
N VAL A 252 0.01 23.37 -14.58
CA VAL A 252 -0.60 24.62 -14.10
C VAL A 252 -1.91 24.42 -13.33
N ILE A 253 -2.99 24.22 -14.09
CA ILE A 253 -4.31 24.04 -13.53
C ILE A 253 -4.53 22.61 -13.04
N GLY A 254 -3.46 21.80 -13.09
CA GLY A 254 -3.54 20.42 -12.66
C GLY A 254 -4.31 20.30 -11.35
N GLY A 255 -3.69 20.77 -10.26
CA GLY A 255 -4.33 20.72 -8.95
C GLY A 255 -4.82 19.34 -8.51
N PRO A 256 -5.63 19.27 -7.43
CA PRO A 256 -6.14 17.99 -6.96
C PRO A 256 -7.36 17.54 -7.75
N GLN A 257 -6.96 16.78 -8.67
CA GLN A 257 -7.98 16.30 -9.61
C GLN A 257 -7.67 14.87 -10.05
N GLY A 258 -6.48 14.72 -10.62
CA GLY A 258 -5.98 13.44 -11.11
C GLY A 258 -6.89 12.91 -12.23
N ASP A 259 -7.93 12.06 -11.30
CA ASP A 259 -9.24 11.68 -11.80
C ASP A 259 -10.11 11.45 -10.59
N ALA A 260 -9.44 11.54 -9.44
CA ALA A 260 -10.06 11.37 -8.12
C ALA A 260 -8.99 11.27 -7.03
N GLY A 261 -9.29 11.78 -5.84
CA GLY A 261 -8.40 11.67 -4.69
C GLY A 261 -9.01 10.78 -3.63
N VAL A 262 -8.17 9.95 -2.99
CA VAL A 262 -8.65 9.01 -1.99
C VAL A 262 -7.78 8.90 -0.73
N THR A 263 -8.40 8.46 0.36
CA THR A 263 -7.73 8.28 1.64
C THR A 263 -7.16 6.88 1.76
N GLY A 264 -5.95 6.79 2.30
CA GLY A 264 -5.30 5.50 2.49
C GLY A 264 -4.72 4.87 1.23
N ARG A 265 -4.55 5.66 0.18
CA ARG A 265 -4.01 5.14 -1.06
C ARG A 265 -2.54 5.48 -1.24
N LYS A 266 -1.96 6.18 -0.26
CA LYS A 266 -0.55 6.54 -0.32
C LYS A 266 0.18 5.88 0.86
N ILE A 267 -0.06 4.60 1.03
CA ILE A 267 0.48 3.78 2.11
C ILE A 267 1.99 3.66 2.27
N ILE A 268 2.71 3.66 1.16
CA ILE A 268 4.16 3.53 1.21
C ILE A 268 4.88 4.85 1.46
N VAL A 269 4.33 5.95 0.95
CA VAL A 269 4.96 7.24 1.17
C VAL A 269 4.74 7.73 2.58
N ASP A 270 3.78 7.11 3.27
CA ASP A 270 3.46 7.44 4.66
C ASP A 270 4.37 6.69 5.63
N THR A 271 5.11 5.72 5.10
CA THR A 271 5.97 4.90 5.93
C THR A 271 7.47 5.00 5.66
N TYR A 272 8.03 3.97 5.03
CA TYR A 272 9.47 3.91 4.79
C TYR A 272 9.94 4.01 3.34
N GLY A 273 9.05 4.41 2.43
CA GLY A 273 9.44 4.53 1.03
C GLY A 273 9.81 3.20 0.38
N GLY A 274 9.22 2.12 0.89
CA GLY A 274 9.47 0.78 0.36
C GLY A 274 10.69 0.09 0.94
N TRP A 275 11.12 0.50 2.13
CA TRP A 275 12.32 -0.10 2.70
C TRP A 275 12.10 -1.15 3.79
N GLY A 276 11.08 -0.97 4.61
CA GLY A 276 10.83 -1.95 5.66
C GLY A 276 9.97 -3.06 5.13
N ALA A 277 8.76 -3.14 5.66
CA ALA A 277 7.78 -4.13 5.27
C ALA A 277 6.45 -3.47 5.57
N HIS A 278 5.40 -3.85 4.86
CA HIS A 278 4.11 -3.23 5.10
C HIS A 278 2.99 -4.23 4.90
N GLY A 279 2.14 -4.36 5.92
CA GLY A 279 1.03 -5.30 5.84
C GLY A 279 -0.15 -4.80 5.03
N GLY A 280 -0.19 -3.50 4.75
CA GLY A 280 -1.27 -2.93 3.98
C GLY A 280 -2.23 -2.03 4.73
N GLY A 281 -2.05 -1.93 6.05
CA GLY A 281 -2.92 -1.09 6.86
C GLY A 281 -2.69 0.41 6.69
N ALA A 282 -3.79 1.13 6.44
CA ALA A 282 -3.76 2.59 6.28
C ALA A 282 -3.89 3.31 7.62
N PHE A 283 -3.31 4.50 7.72
CA PHE A 283 -3.33 5.26 8.96
C PHE A 283 -4.44 6.30 9.05
N SER A 284 -4.37 7.29 8.17
CA SER A 284 -5.31 8.41 8.13
C SER A 284 -6.79 8.05 8.21
N GLY A 285 -7.50 8.74 9.10
CA GLY A 285 -8.92 8.51 9.27
C GLY A 285 -9.30 7.54 10.36
N LYS A 286 -8.31 6.86 10.91
CA LYS A 286 -8.52 5.88 11.98
C LYS A 286 -7.98 6.44 13.29
N ASP A 287 -8.74 6.27 14.37
CA ASP A 287 -8.30 6.76 15.67
C ASP A 287 -7.24 5.86 16.31
N TYR A 288 -6.84 6.22 17.51
CA TYR A 288 -5.81 5.50 18.25
C TYR A 288 -6.17 4.09 18.74
N THR A 289 -7.43 3.67 18.60
CA THR A 289 -7.80 2.32 19.04
C THR A 289 -7.52 1.24 17.99
N LYS A 290 -7.24 1.67 16.76
CA LYS A 290 -6.92 0.74 15.68
C LYS A 290 -5.44 0.41 15.72
N VAL A 291 -5.13 -0.86 15.93
CA VAL A 291 -3.75 -1.32 15.99
C VAL A 291 -2.96 -0.96 14.73
N ASP A 292 -3.65 -0.81 13.61
CA ASP A 292 -2.99 -0.44 12.37
C ASP A 292 -2.17 0.82 12.49
N ARG A 293 -2.63 1.76 13.31
CA ARG A 293 -1.94 3.01 13.50
C ARG A 293 -1.03 2.95 14.73
N SER A 294 -1.64 2.82 15.89
CA SER A 294 -0.93 2.79 17.16
C SER A 294 0.25 1.83 17.19
N ALA A 295 0.00 0.55 16.94
CA ALA A 295 1.04 -0.46 16.98
C ALA A 295 2.14 -0.21 15.95
N ALA A 296 1.78 0.38 14.82
CA ALA A 296 2.77 0.68 13.78
C ALA A 296 3.70 1.76 14.32
N TYR A 297 3.12 2.72 15.03
CA TYR A 297 3.88 3.80 15.63
C TYR A 297 4.81 3.23 16.69
N ALA A 298 4.26 2.34 17.52
CA ALA A 298 5.01 1.70 18.59
C ALA A 298 6.20 0.91 18.04
N ALA A 299 5.97 0.20 16.95
CA ALA A 299 7.01 -0.59 16.32
C ALA A 299 8.13 0.30 15.80
N ARG A 300 7.77 1.46 15.28
CA ARG A 300 8.76 2.41 14.77
C ARG A 300 9.58 2.91 15.95
N TRP A 301 8.86 3.19 17.04
CA TRP A 301 9.44 3.68 18.27
C TRP A 301 10.58 2.79 18.73
N VAL A 302 10.29 1.51 18.96
CA VAL A 302 11.32 0.58 19.43
C VAL A 302 12.45 0.44 18.42
N ALA A 303 12.13 0.49 17.13
CA ALA A 303 13.16 0.36 16.11
C ALA A 303 14.14 1.52 16.23
N LYS A 304 13.59 2.74 16.29
CA LYS A 304 14.40 3.94 16.40
C LYS A 304 15.20 3.94 17.70
N SER A 305 14.59 3.43 18.77
CA SER A 305 15.24 3.36 20.07
C SER A 305 16.44 2.43 20.03
N LEU A 306 16.28 1.27 19.39
CA LEU A 306 17.34 0.29 19.29
C LEU A 306 18.59 0.82 18.62
N VAL A 307 18.45 1.40 17.43
CA VAL A 307 19.60 1.94 16.72
C VAL A 307 20.22 3.11 17.47
N LYS A 308 19.36 3.95 18.05
CA LYS A 308 19.81 5.12 18.79
C LYS A 308 20.62 4.67 20.00
N ALA A 309 20.24 3.54 20.57
CA ALA A 309 20.92 2.99 21.74
C ALA A 309 22.17 2.20 21.36
N GLY A 310 22.57 2.31 20.09
CA GLY A 310 23.77 1.62 19.61
C GLY A 310 23.67 0.11 19.49
N LEU A 311 22.50 -0.44 19.80
CA LEU A 311 22.29 -1.88 19.74
C LEU A 311 22.22 -2.48 18.34
N CYS A 312 22.29 -1.63 17.33
CA CYS A 312 22.25 -2.07 15.93
C CYS A 312 22.27 -0.87 14.99
N ARG A 313 22.64 -1.10 13.73
CA ARG A 313 22.71 -0.04 12.73
C ARG A 313 21.49 -0.02 11.81
N ARG A 314 20.73 -1.12 11.85
CA ARG A 314 19.55 -1.27 11.01
C ARG A 314 18.68 -2.40 11.55
N VAL A 315 17.41 -2.07 11.83
CA VAL A 315 16.48 -3.05 12.37
C VAL A 315 15.12 -3.05 11.71
N LEU A 316 14.51 -4.23 11.75
CA LEU A 316 13.18 -4.46 11.21
C LEU A 316 12.45 -5.21 12.31
N VAL A 317 11.81 -4.45 13.20
CA VAL A 317 11.08 -5.05 14.30
C VAL A 317 9.69 -5.44 13.81
N GLN A 318 9.29 -6.66 14.14
CA GLN A 318 8.01 -7.20 13.72
C GLN A 318 7.15 -7.56 14.94
N VAL A 319 6.07 -6.83 15.14
CA VAL A 319 5.19 -7.10 16.28
C VAL A 319 3.84 -7.67 15.84
N SER A 320 3.51 -8.87 16.34
CA SER A 320 2.25 -9.52 15.99
C SER A 320 1.26 -9.46 17.14
N TYR A 321 -0.02 -9.35 16.80
CA TYR A 321 -1.09 -9.29 17.80
C TYR A 321 -2.16 -10.32 17.49
N ALA A 322 -2.85 -10.76 18.54
CA ALA A 322 -3.92 -11.73 18.43
C ALA A 322 -5.21 -11.07 18.88
N ILE A 323 -6.25 -11.20 18.06
CA ILE A 323 -7.55 -10.60 18.35
C ILE A 323 -8.04 -11.03 19.74
N GLY A 324 -8.32 -10.04 20.58
CA GLY A 324 -8.78 -10.30 21.92
C GLY A 324 -7.68 -10.14 22.94
N VAL A 325 -6.49 -10.66 22.61
CA VAL A 325 -5.34 -10.58 23.50
C VAL A 325 -4.72 -9.18 23.50
N ALA A 326 -4.33 -8.73 24.70
CA ALA A 326 -3.71 -7.42 24.86
C ALA A 326 -2.21 -7.46 24.63
N GLU A 327 -1.53 -8.37 25.32
CA GLU A 327 -0.09 -8.53 25.19
C GLU A 327 0.24 -9.05 23.79
N PRO A 328 1.22 -8.44 23.11
CA PRO A 328 1.62 -8.86 21.77
C PRO A 328 1.92 -10.36 21.63
N LEU A 329 1.39 -10.95 20.56
CA LEU A 329 1.56 -12.37 20.26
C LEU A 329 2.82 -12.62 19.45
N SER A 330 3.97 -12.38 20.06
CA SER A 330 5.26 -12.61 19.46
C SER A 330 5.81 -11.40 18.71
N ILE A 331 6.92 -10.90 19.21
CA ILE A 331 7.61 -9.80 18.57
C ILE A 331 8.92 -10.36 18.06
N SER A 332 9.30 -9.96 16.84
CA SER A 332 10.54 -10.42 16.23
C SER A 332 11.41 -9.23 15.85
N ILE A 333 12.68 -9.30 16.22
CA ILE A 333 13.61 -8.24 15.90
C ILE A 333 14.48 -8.72 14.76
N PHE A 334 14.57 -7.92 13.70
CA PHE A 334 15.37 -8.30 12.57
C PHE A 334 16.46 -7.30 12.22
N THR A 335 17.62 -7.62 12.75
CA THR A 335 18.84 -6.89 12.44
C THR A 335 19.43 -7.60 11.25
N TYR A 336 20.25 -6.90 10.53
CA TYR A 336 20.86 -7.51 9.36
C TYR A 336 22.34 -7.78 9.63
N GLY A 337 22.61 -8.33 10.81
CA GLY A 337 23.98 -8.61 11.23
C GLY A 337 24.69 -7.31 11.61
N THR A 338 23.91 -6.31 12.00
CA THR A 338 24.44 -5.01 12.37
C THR A 338 24.54 -4.87 13.90
N SER A 339 24.02 -5.87 14.61
CA SER A 339 24.03 -5.86 16.07
C SER A 339 25.07 -6.81 16.64
N LYS A 340 25.63 -6.43 17.78
CA LYS A 340 26.61 -7.26 18.45
C LYS A 340 25.91 -8.10 19.51
N LYS A 341 24.77 -7.61 20.00
CA LYS A 341 24.01 -8.32 21.03
C LYS A 341 23.42 -9.65 20.64
N THR A 342 22.85 -9.75 19.44
CA THR A 342 22.31 -11.02 18.94
C THR A 342 20.82 -11.16 19.22
N GLU A 343 20.02 -11.20 18.15
CA GLU A 343 18.59 -11.44 18.29
C GLU A 343 18.27 -12.56 19.27
N ARG A 344 17.50 -12.18 20.27
CA ARG A 344 17.12 -12.98 21.43
C ARG A 344 18.16 -12.75 22.54
N GLU A 345 18.46 -11.48 22.58
CA GLU A 345 19.28 -10.77 23.56
C GLU A 345 18.70 -9.36 23.52
N LEU A 346 18.43 -8.99 22.27
CA LEU A 346 17.81 -7.72 21.93
C LEU A 346 16.31 -7.81 22.17
N LEU A 347 15.77 -9.01 22.08
CA LEU A 347 14.35 -9.20 22.33
C LEU A 347 14.06 -8.99 23.80
N GLU A 348 14.96 -9.47 24.66
CA GLU A 348 14.80 -9.29 26.09
C GLU A 348 14.98 -7.82 26.43
N VAL A 349 15.83 -7.14 25.67
CA VAL A 349 16.05 -5.72 25.88
C VAL A 349 14.73 -5.01 25.60
N VAL A 350 14.05 -5.44 24.54
CA VAL A 350 12.77 -4.85 24.16
C VAL A 350 11.70 -5.23 25.17
N ASN A 351 11.73 -6.47 25.65
CA ASN A 351 10.74 -6.93 26.60
C ASN A 351 10.93 -6.34 28.00
N LYS A 352 12.12 -5.79 28.24
CA LYS A 352 12.41 -5.19 29.54
C LYS A 352 12.27 -3.67 29.51
N ASN A 353 12.19 -3.10 28.30
CA ASN A 353 12.08 -1.66 28.14
C ASN A 353 10.74 -1.22 27.55
N PHE A 354 10.03 -2.14 26.90
CA PHE A 354 8.75 -1.81 26.27
C PHE A 354 7.55 -2.68 26.64
N ASP A 355 6.38 -2.03 26.70
CA ASP A 355 5.11 -2.69 27.00
C ASP A 355 4.20 -2.34 25.83
N LEU A 356 4.32 -3.10 24.75
CA LEU A 356 3.56 -2.88 23.53
C LEU A 356 2.09 -3.24 23.53
N ARG A 357 1.44 -3.25 24.69
CA ARG A 357 0.01 -3.54 24.72
C ARG A 357 -0.69 -2.28 24.19
N PRO A 358 -1.73 -2.45 23.36
CA PRO A 358 -2.49 -1.33 22.78
C PRO A 358 -2.75 -0.16 23.69
N GLY A 359 -3.37 -0.42 24.83
CA GLY A 359 -3.70 0.62 25.77
C GLY A 359 -2.49 1.38 26.30
N VAL A 360 -1.43 0.65 26.63
CA VAL A 360 -0.20 1.26 27.14
C VAL A 360 0.44 2.13 26.06
N ILE A 361 0.35 1.68 24.81
CA ILE A 361 0.91 2.40 23.68
C ILE A 361 0.31 3.79 23.58
N VAL A 362 -1.02 3.87 23.59
CA VAL A 362 -1.69 5.14 23.48
C VAL A 362 -1.37 6.06 24.65
N ARG A 363 -1.19 5.47 25.83
CA ARG A 363 -0.88 6.26 27.02
C ARG A 363 0.55 6.79 26.97
N ASP A 364 1.49 5.90 26.68
CA ASP A 364 2.89 6.27 26.61
C ASP A 364 3.21 7.19 25.45
N LEU A 365 2.54 6.99 24.32
CA LEU A 365 2.78 7.82 23.14
C LEU A 365 1.84 9.01 23.04
N ASP A 366 0.98 9.19 24.05
CA ASP A 366 0.03 10.31 24.08
C ASP A 366 -0.77 10.34 22.78
N LEU A 367 -1.36 9.20 22.41
CA LEU A 367 -2.13 9.09 21.16
C LEU A 367 -3.55 9.64 21.15
N LYS A 368 -3.96 10.29 22.22
CA LYS A 368 -5.29 10.88 22.26
C LYS A 368 -5.21 12.35 21.88
N LYS A 369 -3.98 12.80 21.63
CA LYS A 369 -3.70 14.18 21.28
C LYS A 369 -3.96 14.41 19.79
N PRO A 370 -4.52 15.57 19.42
CA PRO A 370 -4.78 15.87 18.01
C PRO A 370 -3.56 16.34 17.23
N ILE A 371 -2.70 15.40 16.86
CA ILE A 371 -1.50 15.69 16.08
C ILE A 371 -1.59 14.97 14.74
N TYR A 372 -2.66 14.21 14.55
CA TYR A 372 -2.87 13.41 13.34
C TYR A 372 -2.86 14.12 12.00
N GLN A 373 -3.31 15.38 11.93
CA GLN A 373 -3.31 16.06 10.63
C GLN A 373 -1.91 16.32 10.13
N LYS A 374 -1.01 16.74 11.01
CA LYS A 374 0.37 17.00 10.60
C LYS A 374 1.06 15.69 10.27
N THR A 375 0.45 14.57 10.67
CA THR A 375 1.01 13.26 10.39
C THR A 375 0.55 12.79 9.01
N ALA A 376 -0.53 13.40 8.53
CA ALA A 376 -1.15 13.06 7.25
C ALA A 376 -0.40 13.47 5.99
N CYS A 377 0.77 14.07 6.14
CA CYS A 377 1.54 14.47 4.98
C CYS A 377 3.02 14.55 5.30
N TYR A 378 3.85 14.33 4.29
CA TYR A 378 5.30 14.37 4.45
C TYR A 378 5.83 13.22 5.31
N GLY A 379 5.06 12.15 5.41
CA GLY A 379 5.47 10.97 6.16
C GLY A 379 5.16 10.91 7.65
N HIS A 380 4.79 9.72 8.11
CA HIS A 380 4.47 9.49 9.51
C HIS A 380 5.72 9.25 10.34
N PHE A 381 6.76 8.72 9.69
CA PHE A 381 7.99 8.40 10.39
C PHE A 381 9.15 9.29 9.97
N GLY A 382 9.97 9.67 10.92
CA GLY A 382 11.12 10.52 10.63
C GLY A 382 11.13 11.80 11.45
N ARG A 383 10.03 12.55 11.40
CA ARG A 383 9.93 13.82 12.13
C ARG A 383 9.91 13.63 13.65
N SER A 384 10.88 14.24 14.32
CA SER A 384 11.05 14.14 15.77
C SER A 384 9.92 14.71 16.63
N GLU A 385 9.08 15.58 16.05
CA GLU A 385 8.00 16.20 16.81
C GLU A 385 6.87 15.24 17.21
N PHE A 386 6.96 13.98 16.77
CA PHE A 386 5.96 12.98 17.10
C PHE A 386 6.49 12.09 18.23
N PRO A 387 5.63 11.74 19.19
CA PRO A 387 5.97 10.90 20.34
C PRO A 387 6.77 9.65 20.00
N TRP A 388 6.31 8.90 19.02
CA TRP A 388 6.98 7.67 18.61
C TRP A 388 8.37 7.90 18.00
N GLU A 389 8.71 9.15 17.70
CA GLU A 389 10.02 9.45 17.13
C GLU A 389 11.04 9.85 18.19
N VAL A 390 10.60 9.92 19.44
CA VAL A 390 11.48 10.23 20.57
C VAL A 390 11.97 8.89 21.09
N PRO A 391 13.27 8.60 20.92
CA PRO A 391 13.86 7.34 21.36
C PRO A 391 13.72 7.12 22.86
N LYS A 392 13.36 5.90 23.25
CA LYS A 392 13.25 5.58 24.67
C LYS A 392 14.66 5.32 25.16
N LYS A 393 14.89 5.48 26.46
CA LYS A 393 16.21 5.30 27.05
C LYS A 393 16.88 3.96 26.74
N LEU A 394 16.21 2.86 27.07
CA LEU A 394 16.74 1.51 26.88
C LEU A 394 17.84 1.19 27.88
N VAL A 395 17.44 0.62 29.01
CA VAL A 395 18.34 0.27 30.10
C VAL A 395 19.20 -0.97 29.83
N PHE A 396 18.94 -1.65 28.71
CA PHE A 396 19.68 -2.87 28.35
C PHE A 396 19.37 -4.05 29.27
N GLY B 17 14.93 -20.80 13.23
CA GLY B 17 15.04 -19.40 13.79
C GLY B 17 13.69 -18.73 13.95
N ALA B 18 12.74 -19.47 14.54
CA ALA B 18 11.36 -19.05 14.77
C ALA B 18 11.04 -17.56 14.80
N PHE B 19 9.84 -17.36 14.25
CA PHE B 19 9.12 -16.09 14.08
C PHE B 19 7.74 -16.41 13.47
N MET B 20 6.80 -15.50 13.61
CA MET B 20 5.45 -15.73 13.06
C MET B 20 5.09 -14.66 12.05
N PHE B 21 4.12 -14.95 11.20
CA PHE B 21 3.72 -14.01 10.17
C PHE B 21 2.23 -14.13 9.87
N THR B 22 1.63 -12.99 9.50
CA THR B 22 0.21 -12.92 9.20
C THR B 22 -0.01 -12.21 7.87
N SER B 23 -1.04 -12.64 7.15
CA SER B 23 -1.40 -12.05 5.88
C SER B 23 -2.90 -12.05 5.76
N GLU B 24 -3.42 -11.22 4.87
CA GLU B 24 -4.86 -11.14 4.69
C GLU B 24 -5.27 -11.07 3.23
N SER B 25 -6.56 -11.25 3.00
CA SER B 25 -7.15 -11.20 1.67
C SER B 25 -8.63 -10.87 1.80
N VAL B 26 -9.20 -10.38 0.73
CA VAL B 26 -10.62 -10.03 0.73
C VAL B 26 -11.33 -10.67 -0.45
N GLY B 27 -12.63 -10.88 -0.28
CA GLY B 27 -13.43 -11.48 -1.33
C GLY B 27 -13.79 -10.49 -2.42
N GLU B 28 -14.44 -10.99 -3.45
CA GLU B 28 -14.85 -10.18 -4.59
C GLU B 28 -15.87 -9.12 -4.21
N GLY B 29 -16.49 -9.29 -3.05
CA GLY B 29 -17.50 -8.34 -2.62
C GLY B 29 -16.98 -7.17 -1.81
N HIS B 30 -15.72 -7.24 -1.40
CA HIS B 30 -15.12 -6.16 -0.62
C HIS B 30 -15.14 -4.90 -1.49
N PRO B 31 -15.66 -3.81 -0.94
CA PRO B 31 -15.78 -2.51 -1.61
C PRO B 31 -14.59 -2.15 -2.48
N ASP B 32 -13.40 -2.20 -1.89
CA ASP B 32 -12.18 -1.89 -2.61
C ASP B 32 -11.95 -2.82 -3.80
N LYS B 33 -12.19 -4.11 -3.59
CA LYS B 33 -11.99 -5.09 -4.65
C LYS B 33 -13.03 -5.01 -5.76
N ILE B 34 -14.20 -4.46 -5.45
CA ILE B 34 -15.23 -4.30 -6.46
C ILE B 34 -14.76 -3.25 -7.43
N CYS B 35 -14.15 -2.20 -6.89
CA CYS B 35 -13.62 -1.10 -7.69
C CYS B 35 -12.42 -1.55 -8.51
N ASP B 36 -11.59 -2.41 -7.92
CA ASP B 36 -10.42 -2.93 -8.61
C ASP B 36 -10.88 -3.73 -9.82
N GLN B 37 -11.91 -4.55 -9.61
CA GLN B 37 -12.48 -5.39 -10.66
C GLN B 37 -13.18 -4.59 -11.74
N ILE B 38 -14.03 -3.64 -11.32
CA ILE B 38 -14.74 -2.80 -12.27
C ILE B 38 -13.76 -2.05 -13.15
N SER B 39 -12.71 -1.50 -12.53
CA SER B 39 -11.69 -0.75 -13.25
C SER B 39 -10.97 -1.63 -14.27
N ASP B 40 -10.69 -2.87 -13.88
CA ASP B 40 -10.02 -3.79 -14.78
C ASP B 40 -10.97 -4.34 -15.83
N ALA B 41 -12.26 -4.35 -15.51
CA ALA B 41 -13.28 -4.83 -16.43
C ALA B 41 -13.35 -3.84 -17.59
N VAL B 42 -13.24 -2.56 -17.25
CA VAL B 42 -13.26 -1.51 -18.26
C VAL B 42 -12.00 -1.62 -19.11
N LEU B 43 -10.92 -2.07 -18.49
CA LEU B 43 -9.65 -2.24 -19.21
C LEU B 43 -9.77 -3.40 -20.19
N ASP B 44 -10.40 -4.48 -19.74
CA ASP B 44 -10.59 -5.65 -20.59
C ASP B 44 -11.49 -5.27 -21.75
N ALA B 45 -12.59 -4.60 -21.44
CA ALA B 45 -13.56 -4.18 -22.45
C ALA B 45 -12.94 -3.36 -23.57
N HIS B 46 -11.84 -2.69 -23.30
CA HIS B 46 -11.18 -1.90 -24.32
C HIS B 46 -10.16 -2.70 -25.11
N LEU B 47 -9.42 -3.55 -24.41
CA LEU B 47 -8.40 -4.38 -25.05
C LEU B 47 -8.97 -5.31 -26.10
N LYS B 48 -10.19 -5.79 -25.86
CA LYS B 48 -10.85 -6.69 -26.79
C LYS B 48 -11.13 -6.10 -28.16
N GLN B 49 -11.29 -4.77 -28.22
CA GLN B 49 -11.57 -4.08 -29.47
C GLN B 49 -10.42 -3.18 -29.92
N ASP B 50 -9.46 -2.97 -29.05
CA ASP B 50 -8.32 -2.11 -29.35
C ASP B 50 -7.20 -2.43 -28.34
N PRO B 51 -6.35 -3.39 -28.66
CA PRO B 51 -5.22 -3.85 -27.85
C PRO B 51 -4.18 -2.77 -27.57
N ASN B 52 -4.39 -1.60 -28.14
CA ASN B 52 -3.48 -0.50 -27.92
C ASN B 52 -4.18 0.61 -27.18
N ALA B 53 -5.38 0.30 -26.69
CA ALA B 53 -6.17 1.27 -25.93
C ALA B 53 -5.38 1.73 -24.72
N LYS B 54 -5.40 3.04 -24.49
CA LYS B 54 -4.71 3.61 -23.35
C LYS B 54 -5.72 3.80 -22.23
N VAL B 55 -5.62 2.94 -21.22
CA VAL B 55 -6.53 2.97 -20.10
C VAL B 55 -5.91 3.46 -18.80
N ALA B 56 -6.62 4.38 -18.17
CA ALA B 56 -6.22 4.97 -16.92
C ALA B 56 -7.52 5.38 -16.24
N CYS B 57 -8.14 4.43 -15.56
CA CYS B 57 -9.40 4.70 -14.88
C CYS B 57 -9.41 4.10 -13.48
N GLU B 58 -10.33 4.59 -12.66
CA GLU B 58 -10.51 4.10 -11.29
C GLU B 58 -11.99 4.18 -10.92
N THR B 59 -12.38 3.43 -9.90
CA THR B 59 -13.77 3.37 -9.48
C THR B 59 -13.94 3.67 -7.99
N VAL B 60 -15.10 4.21 -7.65
CA VAL B 60 -15.44 4.53 -6.27
C VAL B 60 -16.87 4.06 -6.08
N CYS B 61 -17.14 3.37 -4.96
CA CYS B 61 -18.49 2.87 -4.71
C CYS B 61 -18.93 3.12 -3.29
N LYS B 62 -20.25 3.20 -3.11
CA LYS B 62 -20.83 3.44 -1.79
C LYS B 62 -22.33 3.17 -1.82
N THR B 63 -22.71 1.99 -1.31
CA THR B 63 -24.10 1.56 -1.24
C THR B 63 -24.96 1.84 -2.46
N GLY B 64 -24.89 0.97 -3.47
CA GLY B 64 -25.69 1.18 -4.66
C GLY B 64 -25.39 2.49 -5.38
N MET B 65 -24.11 2.83 -5.41
CA MET B 65 -23.65 4.05 -6.08
C MET B 65 -22.22 3.82 -6.52
N VAL B 66 -22.03 3.70 -7.83
CA VAL B 66 -20.72 3.44 -8.41
C VAL B 66 -20.32 4.61 -9.29
N LEU B 67 -19.10 5.11 -9.06
CA LEU B 67 -18.59 6.24 -9.82
C LEU B 67 -17.39 5.80 -10.63
N LEU B 68 -17.51 5.91 -11.95
CA LEU B 68 -16.43 5.54 -12.84
C LEU B 68 -15.74 6.82 -13.27
N CYS B 69 -14.47 6.95 -12.90
CA CYS B 69 -13.67 8.11 -13.25
C CYS B 69 -12.53 7.65 -14.13
N GLY B 70 -11.89 8.58 -14.84
CA GLY B 70 -10.77 8.17 -15.66
C GLY B 70 -10.60 8.86 -17.00
N GLU B 71 -9.41 8.66 -17.55
CA GLU B 71 -9.00 9.21 -18.84
C GLU B 71 -8.53 8.03 -19.68
N ILE B 72 -9.29 7.69 -20.71
CA ILE B 72 -8.89 6.57 -21.56
C ILE B 72 -8.93 6.91 -23.03
N THR B 73 -7.76 6.83 -23.65
CA THR B 73 -7.61 7.09 -25.06
C THR B 73 -7.70 5.76 -25.79
N SER B 74 -8.85 5.53 -26.41
CA SER B 74 -9.09 4.28 -27.13
C SER B 74 -10.01 4.51 -28.32
N MET B 75 -10.09 3.46 -29.15
CA MET B 75 -10.94 3.49 -30.33
C MET B 75 -11.79 2.22 -30.35
N ALA B 76 -12.68 2.13 -29.36
CA ALA B 76 -13.57 0.98 -29.23
C ALA B 76 -14.88 1.48 -28.63
N MET B 77 -15.99 0.89 -29.07
CA MET B 77 -17.30 1.28 -28.56
C MET B 77 -17.69 0.42 -27.36
N ILE B 78 -17.68 1.05 -26.19
CA ILE B 78 -18.01 0.36 -24.95
C ILE B 78 -19.23 0.94 -24.23
N ASP B 79 -20.04 0.05 -23.69
CA ASP B 79 -21.22 0.41 -22.91
C ASP B 79 -20.80 0.31 -21.45
N TYR B 80 -20.33 1.42 -20.88
CA TYR B 80 -19.88 1.43 -19.49
C TYR B 80 -20.92 0.99 -18.48
N GLN B 81 -22.19 1.26 -18.78
CA GLN B 81 -23.26 0.84 -17.88
C GLN B 81 -23.24 -0.69 -17.85
N ARG B 82 -23.09 -1.27 -19.03
CA ARG B 82 -23.06 -2.72 -19.18
C ARG B 82 -21.84 -3.36 -18.51
N VAL B 83 -20.65 -2.79 -18.72
CA VAL B 83 -19.45 -3.37 -18.13
C VAL B 83 -19.38 -3.22 -16.62
N VAL B 84 -20.03 -2.20 -16.07
CA VAL B 84 -20.04 -1.99 -14.63
C VAL B 84 -21.06 -2.91 -13.99
N ARG B 85 -22.27 -2.90 -14.52
CA ARG B 85 -23.35 -3.73 -14.00
C ARG B 85 -23.09 -5.22 -14.15
N ASP B 86 -22.46 -5.61 -15.25
CA ASP B 86 -22.12 -7.01 -15.46
C ASP B 86 -21.12 -7.47 -14.42
N THR B 87 -20.18 -6.60 -14.09
CA THR B 87 -19.15 -6.92 -13.11
C THR B 87 -19.75 -7.07 -11.72
N ILE B 88 -20.73 -6.23 -11.42
CA ILE B 88 -21.39 -6.29 -10.12
C ILE B 88 -22.22 -7.58 -10.04
N LYS B 89 -22.79 -7.96 -11.16
CA LYS B 89 -23.60 -9.18 -11.25
C LYS B 89 -22.69 -10.40 -11.03
N HIS B 90 -21.56 -10.40 -11.71
CA HIS B 90 -20.58 -11.49 -11.61
C HIS B 90 -20.16 -11.72 -10.17
N ILE B 91 -19.98 -10.61 -9.46
CA ILE B 91 -19.57 -10.66 -8.07
C ILE B 91 -20.64 -11.32 -7.19
N GLY B 92 -21.90 -11.24 -7.62
CA GLY B 92 -22.98 -11.85 -6.86
C GLY B 92 -23.97 -10.87 -6.27
N TYR B 93 -23.93 -9.62 -6.73
CA TYR B 93 -24.85 -8.62 -6.24
C TYR B 93 -26.02 -8.45 -7.19
N ASP B 94 -27.05 -9.25 -6.95
CA ASP B 94 -28.26 -9.26 -7.76
C ASP B 94 -29.51 -8.96 -6.95
N ASP B 95 -29.44 -9.17 -5.65
CA ASP B 95 -30.57 -8.90 -4.78
C ASP B 95 -30.35 -7.63 -3.96
N SER B 96 -31.46 -7.06 -3.49
CA SER B 96 -31.45 -5.83 -2.72
C SER B 96 -30.69 -5.88 -1.38
N ALA B 97 -31.15 -6.71 -0.46
CA ALA B 97 -30.57 -6.87 0.88
C ALA B 97 -29.06 -7.14 0.96
N LYS B 98 -28.46 -7.57 -0.14
CA LYS B 98 -27.03 -7.86 -0.17
C LYS B 98 -26.13 -6.63 -0.12
N GLY B 99 -26.73 -5.44 -0.25
CA GLY B 99 -25.97 -4.21 -0.22
C GLY B 99 -25.59 -3.69 -1.59
N PHE B 100 -26.12 -4.35 -2.62
CA PHE B 100 -25.86 -3.97 -4.01
C PHE B 100 -26.69 -4.81 -4.96
N ASP B 101 -27.23 -4.17 -5.99
CA ASP B 101 -28.04 -4.85 -6.99
C ASP B 101 -27.70 -4.19 -8.31
N PHE B 102 -27.03 -4.93 -9.19
CA PHE B 102 -26.63 -4.41 -10.49
C PHE B 102 -27.75 -3.83 -11.33
N LYS B 103 -28.99 -4.22 -11.05
CA LYS B 103 -30.13 -3.73 -11.79
C LYS B 103 -30.64 -2.39 -11.27
N THR B 104 -30.36 -2.10 -10.00
CA THR B 104 -30.85 -0.87 -9.38
C THR B 104 -29.81 0.15 -8.94
N CYS B 105 -28.56 -0.25 -8.79
CA CYS B 105 -27.53 0.69 -8.33
C CYS B 105 -27.27 1.82 -9.31
N ASN B 106 -26.81 2.93 -8.75
CA ASN B 106 -26.49 4.14 -9.50
C ASN B 106 -25.08 4.05 -10.08
N VAL B 107 -24.99 4.06 -11.39
CA VAL B 107 -23.70 3.99 -12.06
C VAL B 107 -23.42 5.32 -12.73
N LEU B 108 -22.74 6.20 -12.01
CA LEU B 108 -22.39 7.53 -12.50
C LEU B 108 -21.05 7.46 -13.24
N VAL B 109 -21.10 7.63 -14.55
CA VAL B 109 -19.90 7.59 -15.37
C VAL B 109 -19.37 8.98 -15.71
N ALA B 110 -18.23 9.33 -15.13
CA ALA B 110 -17.59 10.62 -15.37
C ALA B 110 -16.27 10.41 -16.16
N LEU B 111 -16.29 9.35 -16.93
CA LEU B 111 -15.16 8.88 -17.78
C LEU B 111 -15.01 9.79 -19.02
N GLU B 112 -13.76 10.13 -19.32
CA GLU B 112 -13.40 10.95 -20.51
C GLU B 112 -12.73 10.04 -21.54
N GLN B 113 -13.32 9.87 -22.73
CA GLN B 113 -12.71 8.99 -23.73
C GLN B 113 -12.38 9.67 -25.06
N GLN B 114 -11.09 9.70 -25.42
CA GLN B 114 -10.66 10.29 -26.70
C GLN B 114 -10.83 9.24 -27.82
N SER B 115 -10.01 9.35 -28.86
CA SER B 115 -10.09 8.42 -29.97
C SER B 115 -8.76 7.94 -30.60
N PRO B 116 -7.80 8.87 -30.89
CA PRO B 116 -6.52 8.52 -31.49
C PRO B 116 -5.40 8.27 -30.46
N GLU B 129 9.37 -2.09 -29.25
CA GLU B 129 10.22 -3.06 -28.50
C GLU B 129 11.19 -2.30 -27.60
N ASP B 130 11.73 -1.20 -28.13
CA ASP B 130 12.67 -0.38 -27.40
C ASP B 130 12.05 0.97 -27.04
N VAL B 131 10.79 0.93 -26.60
CA VAL B 131 10.02 2.12 -26.25
C VAL B 131 10.70 3.08 -25.28
N GLY B 132 10.76 2.70 -24.01
CA GLY B 132 11.37 3.57 -23.02
C GLY B 132 10.45 3.74 -21.84
N ALA B 133 10.91 3.29 -20.68
CA ALA B 133 10.14 3.33 -19.45
C ALA B 133 9.62 4.70 -19.03
N GLY B 134 8.32 4.74 -18.77
CA GLY B 134 7.67 5.96 -18.28
C GLY B 134 7.89 6.06 -16.77
N ASP B 135 8.17 7.25 -16.28
CA ASP B 135 8.33 7.56 -14.88
C ASP B 135 9.47 6.78 -14.23
N GLN B 136 10.48 7.47 -13.70
CA GLN B 136 11.42 6.83 -12.79
C GLN B 136 10.69 5.79 -11.94
N GLY B 137 11.24 4.59 -11.82
CA GLY B 137 10.55 3.57 -11.04
C GLY B 137 11.48 2.55 -10.45
N LEU B 138 10.91 1.77 -9.52
CA LEU B 138 11.63 0.71 -8.83
C LEU B 138 10.63 -0.39 -8.50
N MET B 139 10.65 -1.46 -9.28
CA MET B 139 9.74 -2.58 -9.06
C MET B 139 10.42 -3.71 -8.30
N PHE B 140 9.62 -4.42 -7.51
CA PHE B 140 10.11 -5.54 -6.72
C PHE B 140 9.51 -6.87 -7.19
N GLY B 141 10.24 -7.94 -6.95
CA GLY B 141 9.77 -9.27 -7.32
C GLY B 141 10.11 -10.20 -6.18
N TYR B 142 9.24 -11.15 -5.89
CA TYR B 142 9.49 -12.07 -4.79
C TYR B 142 9.00 -13.48 -5.06
N ALA B 143 9.70 -14.44 -4.47
CA ALA B 143 9.38 -15.84 -4.62
C ALA B 143 10.06 -16.67 -3.53
N THR B 144 9.38 -17.71 -3.10
CA THR B 144 9.91 -18.61 -2.06
C THR B 144 9.38 -20.01 -2.36
N ASP B 145 10.17 -21.03 -2.06
CA ASP B 145 9.76 -22.41 -2.34
C ASP B 145 8.89 -23.09 -1.29
N GLU B 146 8.35 -22.35 -0.33
CA GLU B 146 7.51 -22.94 0.71
C GLU B 146 6.18 -23.49 0.23
N THR B 147 5.82 -23.15 -1.01
CA THR B 147 4.58 -23.64 -1.61
C THR B 147 4.86 -23.83 -3.10
N GLU B 148 4.05 -24.65 -3.78
CA GLU B 148 4.24 -24.88 -5.20
C GLU B 148 4.02 -23.62 -6.04
N GLU B 149 3.24 -22.67 -5.52
CA GLU B 149 2.98 -21.42 -6.23
C GLU B 149 4.17 -20.47 -6.20
N CYS B 150 5.10 -20.73 -5.28
CA CYS B 150 6.30 -19.91 -5.07
C CYS B 150 5.91 -18.59 -4.40
N MET B 151 4.89 -18.68 -3.55
CA MET B 151 4.37 -17.55 -2.80
C MET B 151 4.26 -17.91 -1.32
N PRO B 152 4.31 -16.91 -0.43
CA PRO B 152 4.22 -17.14 1.02
C PRO B 152 2.98 -17.95 1.36
N LEU B 153 3.14 -18.94 2.23
CA LEU B 153 2.02 -19.80 2.62
C LEU B 153 0.88 -18.97 3.20
N THR B 154 1.25 -18.00 4.04
CA THR B 154 0.29 -17.15 4.70
C THR B 154 -0.67 -16.45 3.74
N ILE B 155 -0.14 -15.86 2.68
CA ILE B 155 -0.99 -15.17 1.70
C ILE B 155 -1.70 -16.13 0.76
N VAL B 156 -1.06 -17.25 0.46
CA VAL B 156 -1.65 -18.24 -0.43
C VAL B 156 -2.91 -18.82 0.20
N LEU B 157 -2.79 -19.20 1.47
CA LEU B 157 -3.91 -19.75 2.22
C LEU B 157 -5.01 -18.70 2.36
N ALA B 158 -4.61 -17.47 2.61
CA ALA B 158 -5.55 -16.37 2.76
C ALA B 158 -6.38 -16.20 1.50
N HIS B 159 -5.73 -16.29 0.35
CA HIS B 159 -6.41 -16.15 -0.93
C HIS B 159 -7.31 -17.35 -1.19
N LYS B 160 -6.73 -18.54 -1.09
CA LYS B 160 -7.46 -19.78 -1.31
C LYS B 160 -8.70 -19.90 -0.43
N LEU B 161 -8.61 -19.37 0.78
CA LEU B 161 -9.73 -19.42 1.72
C LEU B 161 -10.91 -18.66 1.15
N ASN B 162 -10.64 -17.48 0.60
CA ASN B 162 -11.68 -16.65 -0.01
C ASN B 162 -12.18 -17.30 -1.31
N THR B 163 -11.25 -17.88 -2.07
CA THR B 163 -11.59 -18.53 -3.33
C THR B 163 -12.60 -19.65 -3.14
N ARG B 164 -12.34 -20.49 -2.14
CA ARG B 164 -13.20 -21.61 -1.83
C ARG B 164 -14.62 -21.17 -1.47
N MET B 165 -14.73 -20.08 -0.72
CA MET B 165 -16.03 -19.58 -0.31
C MET B 165 -16.86 -19.12 -1.49
N ALA B 166 -16.18 -18.59 -2.51
CA ALA B 166 -16.86 -18.13 -3.71
C ALA B 166 -17.34 -19.34 -4.49
N ASP B 167 -16.56 -20.41 -4.45
CA ASP B 167 -16.92 -21.65 -5.14
C ASP B 167 -18.19 -22.21 -4.53
N LEU B 168 -18.20 -22.37 -3.22
CA LEU B 168 -19.35 -22.90 -2.50
C LEU B 168 -20.56 -21.99 -2.68
N ARG B 169 -20.30 -20.70 -2.85
CA ARG B 169 -21.35 -19.72 -3.06
C ARG B 169 -21.95 -19.95 -4.44
N ARG B 170 -21.10 -20.01 -5.46
CA ARG B 170 -21.55 -20.20 -6.84
C ARG B 170 -22.02 -21.60 -7.20
N SER B 171 -21.58 -22.60 -6.44
CA SER B 171 -21.99 -23.97 -6.68
C SER B 171 -23.38 -24.20 -6.10
N GLY B 172 -23.58 -23.72 -4.88
CA GLY B 172 -24.86 -23.88 -4.23
C GLY B 172 -24.68 -24.57 -2.89
N VAL B 173 -23.50 -25.15 -2.69
CA VAL B 173 -23.18 -25.87 -1.46
C VAL B 173 -23.44 -25.06 -0.19
N LEU B 174 -23.05 -23.80 -0.21
CA LEU B 174 -23.29 -22.90 0.92
C LEU B 174 -24.02 -21.69 0.31
N PRO B 175 -25.35 -21.79 0.15
CA PRO B 175 -26.19 -20.74 -0.41
C PRO B 175 -26.44 -19.52 0.47
N TRP B 176 -25.94 -19.55 1.70
CA TRP B 176 -26.11 -18.42 2.61
C TRP B 176 -24.94 -17.46 2.49
N LEU B 177 -23.87 -17.95 1.86
CA LEU B 177 -22.66 -17.19 1.65
C LEU B 177 -22.90 -16.02 0.69
N ARG B 178 -22.42 -14.84 1.08
CA ARG B 178 -22.54 -13.61 0.27
C ARG B 178 -21.15 -13.10 -0.16
N PRO B 179 -21.09 -12.29 -1.24
CA PRO B 179 -19.84 -11.80 -1.83
C PRO B 179 -18.74 -11.22 -0.96
N ASP B 180 -19.09 -10.33 -0.02
CA ASP B 180 -18.09 -9.70 0.83
C ASP B 180 -17.52 -10.59 1.93
N SER B 181 -16.19 -10.67 1.96
CA SER B 181 -15.48 -11.47 2.95
C SER B 181 -14.08 -10.93 3.20
N LYS B 182 -13.50 -11.34 4.32
CA LYS B 182 -12.14 -10.95 4.71
C LYS B 182 -11.47 -12.16 5.35
N THR B 183 -10.20 -12.36 5.02
CA THR B 183 -9.48 -13.51 5.55
C THR B 183 -8.09 -13.10 6.04
N GLN B 184 -7.70 -13.74 7.13
CA GLN B 184 -6.40 -13.54 7.77
C GLN B 184 -5.84 -14.87 8.22
N VAL B 185 -4.62 -15.12 7.80
CA VAL B 185 -3.93 -16.37 8.15
C VAL B 185 -2.57 -16.07 8.76
N THR B 186 -2.35 -16.57 9.97
CA THR B 186 -1.07 -16.37 10.64
C THR B 186 -0.41 -17.72 10.86
N VAL B 187 0.76 -17.89 10.26
CA VAL B 187 1.52 -19.13 10.34
C VAL B 187 2.84 -18.97 11.08
N GLN B 188 3.17 -19.98 11.89
CA GLN B 188 4.42 -19.98 12.64
C GLN B 188 5.52 -20.53 11.76
N TYR B 189 6.61 -19.80 11.67
CA TYR B 189 7.70 -20.28 10.87
C TYR B 189 9.00 -20.56 11.61
N VAL B 190 10.04 -20.88 10.82
CA VAL B 190 11.37 -21.24 11.30
C VAL B 190 12.31 -21.17 10.11
N GLN B 191 13.42 -20.46 10.27
CA GLN B 191 14.41 -20.32 9.21
C GLN B 191 15.11 -21.65 8.94
N ASP B 192 16.02 -21.66 7.98
CA ASP B 192 16.75 -22.87 7.65
C ASP B 192 17.95 -22.58 6.77
N ASN B 193 19.08 -22.32 7.41
CA ASN B 193 20.35 -22.00 6.75
C ASN B 193 20.17 -21.53 5.33
N GLY B 194 19.25 -20.63 5.22
CA GLY B 194 18.83 -20.02 3.97
C GLY B 194 17.59 -19.22 4.29
N ALA B 195 16.44 -19.89 4.28
CA ALA B 195 15.22 -19.16 4.64
C ALA B 195 13.87 -19.85 4.41
N VAL B 196 13.07 -19.39 5.35
CA VAL B 196 11.62 -19.53 5.54
C VAL B 196 10.90 -20.84 5.26
N ILE B 197 10.68 -21.57 6.34
CA ILE B 197 9.95 -22.83 6.27
C ILE B 197 8.73 -22.78 7.22
N PRO B 198 7.51 -22.88 6.68
CA PRO B 198 6.29 -22.85 7.50
C PRO B 198 6.15 -24.12 8.34
N VAL B 199 5.71 -23.94 9.58
CA VAL B 199 5.54 -25.06 10.50
C VAL B 199 4.10 -25.45 10.75
N ARG B 200 3.25 -24.47 11.05
CA ARG B 200 1.85 -24.73 11.31
C ARG B 200 1.03 -23.45 11.29
N VAL B 201 -0.28 -23.59 11.07
CA VAL B 201 -1.18 -22.45 11.07
C VAL B 201 -1.54 -22.16 12.53
N HIS B 202 -1.03 -21.03 13.03
CA HIS B 202 -1.28 -20.63 14.41
C HIS B 202 -2.74 -20.27 14.64
N THR B 203 -3.26 -19.37 13.82
CA THR B 203 -4.65 -18.94 13.91
C THR B 203 -5.19 -18.45 12.57
N ILE B 204 -6.49 -18.62 12.39
CA ILE B 204 -7.18 -18.23 11.16
C ILE B 204 -8.40 -17.39 11.52
N VAL B 205 -8.53 -16.24 10.86
CA VAL B 205 -9.67 -15.37 11.09
C VAL B 205 -10.36 -15.17 9.76
N ILE B 206 -11.64 -15.46 9.73
CA ILE B 206 -12.41 -15.32 8.51
C ILE B 206 -13.79 -14.76 8.79
N SER B 207 -14.14 -13.73 8.02
CA SER B 207 -15.41 -13.05 8.14
C SER B 207 -16.04 -13.00 6.77
N VAL B 208 -17.30 -13.40 6.69
CA VAL B 208 -18.00 -13.40 5.41
C VAL B 208 -19.43 -12.92 5.54
N GLN B 209 -19.88 -12.19 4.53
CA GLN B 209 -21.24 -11.68 4.51
C GLN B 209 -22.19 -12.87 4.40
N HIS B 210 -23.44 -12.70 4.81
CA HIS B 210 -24.38 -13.80 4.76
C HIS B 210 -25.85 -13.42 4.75
N ASN B 211 -26.68 -14.42 4.45
CA ASN B 211 -28.13 -14.26 4.42
C ASN B 211 -28.65 -14.37 5.87
N GLU B 212 -29.86 -13.87 6.10
CA GLU B 212 -30.47 -13.88 7.43
C GLU B 212 -30.79 -15.27 7.99
N ASP B 213 -31.36 -16.13 7.15
CA ASP B 213 -31.77 -17.48 7.55
C ASP B 213 -30.64 -18.49 7.67
N ILE B 214 -29.73 -18.23 8.60
CA ILE B 214 -28.60 -19.11 8.85
C ILE B 214 -27.96 -18.71 10.19
N THR B 215 -27.93 -19.68 11.11
CA THR B 215 -27.40 -19.49 12.44
C THR B 215 -25.88 -19.31 12.47
N LEU B 216 -25.42 -18.51 13.42
CA LEU B 216 -24.00 -18.23 13.63
C LEU B 216 -23.25 -19.53 13.92
N GLU B 217 -23.93 -20.48 14.56
CA GLU B 217 -23.33 -21.77 14.87
C GLU B 217 -23.11 -22.59 13.61
N ALA B 218 -24.08 -22.55 12.70
CA ALA B 218 -23.98 -23.32 11.46
C ALA B 218 -22.94 -22.72 10.52
N MET B 219 -22.78 -21.41 10.57
CA MET B 219 -21.80 -20.74 9.72
C MET B 219 -20.40 -21.13 10.13
N ARG B 220 -20.10 -20.93 11.40
CA ARG B 220 -18.80 -21.26 11.96
C ARG B 220 -18.40 -22.73 11.74
N GLU B 221 -19.38 -23.58 11.70
CA GLU B 221 -19.12 -25.02 11.48
C GLU B 221 -18.71 -25.26 10.03
N ALA B 222 -19.46 -24.66 9.14
CA ALA B 222 -19.24 -24.79 7.70
C ALA B 222 -17.90 -24.19 7.31
N LEU B 223 -17.53 -23.09 7.97
CA LEU B 223 -16.27 -22.41 7.69
C LEU B 223 -15.07 -23.26 8.07
N LYS B 224 -15.21 -24.05 9.14
CA LYS B 224 -14.12 -24.89 9.61
C LYS B 224 -13.99 -26.18 8.82
N GLU B 225 -15.11 -26.87 8.59
CA GLU B 225 -15.09 -28.13 7.86
C GLU B 225 -15.05 -27.98 6.35
N GLN B 226 -15.97 -27.21 5.80
CA GLN B 226 -16.06 -27.05 4.37
C GLN B 226 -15.13 -26.08 3.65
N VAL B 227 -14.62 -25.06 4.34
CA VAL B 227 -13.71 -24.13 3.68
C VAL B 227 -12.27 -24.25 4.17
N ILE B 228 -12.04 -24.08 5.47
CA ILE B 228 -10.71 -24.16 6.04
C ILE B 228 -10.05 -25.52 5.88
N LYS B 229 -10.68 -26.57 6.39
CA LYS B 229 -10.12 -27.92 6.29
C LYS B 229 -10.08 -28.45 4.86
N ALA B 230 -10.82 -27.81 3.95
CA ALA B 230 -10.84 -28.25 2.56
C ALA B 230 -9.77 -27.58 1.71
N VAL B 231 -9.03 -26.63 2.30
CA VAL B 231 -7.98 -25.91 1.57
C VAL B 231 -6.63 -25.91 2.27
N VAL B 232 -6.64 -25.96 3.60
CA VAL B 232 -5.40 -25.97 4.37
C VAL B 232 -4.85 -27.38 4.55
N PRO B 233 -3.60 -27.62 4.10
CA PRO B 233 -2.92 -28.90 4.19
C PRO B 233 -2.90 -29.44 5.61
N ALA B 234 -3.23 -30.72 5.76
CA ALA B 234 -3.28 -31.40 7.06
C ALA B 234 -2.05 -31.12 7.91
N LYS B 235 -0.90 -31.10 7.26
CA LYS B 235 0.37 -30.85 7.90
C LYS B 235 0.37 -29.59 8.76
N TYR B 236 -0.38 -28.58 8.35
CA TYR B 236 -0.42 -27.31 9.07
C TYR B 236 -1.55 -27.15 10.09
N LEU B 237 -2.64 -27.90 9.93
CA LEU B 237 -3.73 -27.78 10.90
C LEU B 237 -3.35 -28.53 12.18
N ASP B 238 -3.67 -27.91 13.31
CA ASP B 238 -3.32 -28.44 14.63
C ASP B 238 -4.51 -28.61 15.57
N GLU B 239 -4.24 -29.10 16.78
CA GLU B 239 -5.27 -29.26 17.81
C GLU B 239 -5.30 -27.96 18.60
N ASP B 240 -4.30 -27.12 18.35
CA ASP B 240 -4.18 -25.84 19.03
C ASP B 240 -4.47 -24.67 18.10
N THR B 241 -4.48 -24.93 16.79
CA THR B 241 -4.77 -23.90 15.79
C THR B 241 -6.00 -23.11 16.25
N ILE B 242 -5.87 -21.79 16.27
CA ILE B 242 -6.97 -20.94 16.71
C ILE B 242 -7.86 -20.47 15.56
N TYR B 243 -9.16 -20.62 15.75
CA TYR B 243 -10.13 -20.22 14.75
C TYR B 243 -11.02 -19.09 15.25
N HIS B 244 -11.15 -18.08 14.42
CA HIS B 244 -11.99 -16.91 14.70
C HIS B 244 -12.88 -16.73 13.48
N LEU B 245 -13.99 -17.46 13.49
CA LEU B 245 -14.95 -17.45 12.38
C LEU B 245 -16.12 -16.54 12.72
N GLN B 246 -16.32 -15.49 11.92
CA GLN B 246 -17.40 -14.52 12.16
C GLN B 246 -17.27 -14.01 13.60
N PRO B 247 -16.10 -13.45 13.94
CA PRO B 247 -15.76 -12.91 15.27
C PRO B 247 -16.71 -11.83 15.76
N SER B 248 -17.06 -10.92 14.84
CA SER B 248 -17.95 -9.81 15.15
C SER B 248 -19.45 -10.14 15.10
N GLY B 249 -19.79 -11.42 15.12
CA GLY B 249 -21.19 -11.80 15.09
C GLY B 249 -21.76 -11.90 13.68
N ARG B 250 -22.80 -11.10 13.42
CA ARG B 250 -23.45 -11.13 12.13
C ARG B 250 -23.00 -10.03 11.16
N PHE B 251 -22.88 -10.44 9.91
CA PHE B 251 -22.44 -9.62 8.78
C PHE B 251 -23.46 -9.86 7.66
N VAL B 252 -24.68 -9.35 7.85
CA VAL B 252 -25.74 -9.54 6.87
C VAL B 252 -25.78 -8.52 5.73
N ILE B 253 -26.46 -7.39 5.96
CA ILE B 253 -26.58 -6.34 4.96
C ILE B 253 -25.29 -5.53 4.88
N GLY B 254 -24.19 -6.17 5.24
CA GLY B 254 -22.88 -5.53 5.19
C GLY B 254 -22.33 -5.35 3.79
N GLY B 255 -23.21 -5.30 2.80
CA GLY B 255 -22.80 -5.10 1.41
C GLY B 255 -21.85 -3.92 1.25
N PRO B 256 -21.32 -3.78 0.04
CA PRO B 256 -20.29 -2.78 -0.28
C PRO B 256 -20.67 -1.36 0.07
N GLN B 257 -20.26 -1.01 1.27
CA GLN B 257 -20.36 0.35 1.82
C GLN B 257 -19.00 0.66 2.43
N GLY B 258 -18.70 -0.14 3.42
CA GLY B 258 -17.44 -0.09 4.15
C GLY B 258 -16.85 1.29 4.12
N ASP B 259 -17.76 2.24 4.23
CA ASP B 259 -17.53 3.65 4.17
C ASP B 259 -16.75 4.04 2.94
N ALA B 260 -17.26 3.66 1.76
CA ALA B 260 -16.72 3.99 0.46
C ALA B 260 -15.59 3.06 0.02
N GLY B 261 -15.86 2.27 -1.02
CA GLY B 261 -14.84 1.41 -1.63
C GLY B 261 -14.06 2.19 -2.66
N VAL B 262 -12.79 1.82 -2.86
CA VAL B 262 -11.90 2.53 -3.76
C VAL B 262 -10.94 1.61 -4.50
N THR B 263 -10.43 2.09 -5.63
CA THR B 263 -9.48 1.36 -6.44
C THR B 263 -8.04 1.65 -6.03
N GLY B 264 -7.23 0.61 -6.00
CA GLY B 264 -5.83 0.76 -5.63
C GLY B 264 -5.56 0.92 -4.15
N ARG B 265 -6.53 0.58 -3.31
CA ARG B 265 -6.37 0.72 -1.86
C ARG B 265 -6.06 -0.61 -1.19
N LYS B 266 -5.98 -1.68 -1.98
CA LYS B 266 -5.67 -3.00 -1.44
C LYS B 266 -4.37 -3.50 -2.06
N ILE B 267 -3.37 -2.63 -2.04
CA ILE B 267 -2.04 -2.87 -2.60
C ILE B 267 -1.22 -4.05 -2.11
N ILE B 268 -1.34 -4.39 -0.83
CA ILE B 268 -0.58 -5.49 -0.27
C ILE B 268 -1.23 -6.84 -0.48
N VAL B 269 -2.55 -6.89 -0.50
CA VAL B 269 -3.24 -8.16 -0.72
C VAL B 269 -3.17 -8.57 -2.18
N ASP B 270 -2.82 -7.62 -3.04
CA ASP B 270 -2.69 -7.87 -4.47
C ASP B 270 -1.30 -8.39 -4.81
N THR B 271 -0.40 -8.33 -3.83
CA THR B 271 0.96 -8.77 -4.05
C THR B 271 1.44 -9.96 -3.23
N TYR B 272 2.27 -9.71 -2.22
CA TYR B 272 2.86 -10.78 -1.41
C TYR B 272 2.40 -10.88 0.05
N GLY B 273 1.34 -10.17 0.42
CA GLY B 273 0.87 -10.23 1.79
C GLY B 273 1.85 -9.66 2.80
N GLY B 274 2.65 -8.69 2.35
CA GLY B 274 3.64 -8.05 3.20
C GLY B 274 4.95 -8.78 3.34
N TRP B 275 5.29 -9.63 2.37
CA TRP B 275 6.52 -10.39 2.46
C TRP B 275 7.70 -9.89 1.63
N GLY B 276 7.43 -9.35 0.45
CA GLY B 276 8.52 -8.86 -0.37
C GLY B 276 8.83 -7.42 -0.01
N ALA B 277 8.57 -6.54 -0.95
CA ALA B 277 8.79 -5.11 -0.78
C ALA B 277 7.80 -4.47 -1.73
N HIS B 278 7.36 -3.26 -1.43
CA HIS B 278 6.39 -2.61 -2.30
C HIS B 278 6.61 -1.12 -2.35
N GLY B 279 6.76 -0.59 -3.56
CA GLY B 279 6.99 0.82 -3.73
C GLY B 279 5.75 1.69 -3.59
N GLY B 280 4.58 1.07 -3.65
CA GLY B 280 3.33 1.81 -3.52
C GLY B 280 2.49 1.90 -4.78
N GLY B 281 3.00 1.38 -5.89
CA GLY B 281 2.25 1.45 -7.13
C GLY B 281 1.08 0.49 -7.22
N ALA B 282 -0.08 1.02 -7.60
CA ALA B 282 -1.31 0.23 -7.75
C ALA B 282 -1.42 -0.37 -9.15
N PHE B 283 -2.08 -1.52 -9.27
CA PHE B 283 -2.22 -2.19 -10.56
C PHE B 283 -3.52 -1.90 -11.31
N SER B 284 -4.63 -2.29 -10.71
CA SER B 284 -5.96 -2.14 -11.28
C SER B 284 -6.29 -0.77 -11.86
N GLY B 285 -6.80 -0.79 -13.09
CA GLY B 285 -7.19 0.44 -13.76
C GLY B 285 -6.14 1.03 -14.69
N LYS B 286 -4.93 0.48 -14.62
CA LYS B 286 -3.82 0.94 -15.45
C LYS B 286 -3.51 -0.10 -16.51
N ASP B 287 -3.28 0.36 -17.74
CA ASP B 287 -2.97 -0.56 -18.84
C ASP B 287 -1.54 -1.07 -18.78
N TYR B 288 -1.17 -1.87 -19.78
CA TYR B 288 0.15 -2.46 -19.87
C TYR B 288 1.32 -1.50 -20.13
N THR B 289 1.06 -0.24 -20.44
CA THR B 289 2.15 0.69 -20.68
C THR B 289 2.73 1.30 -19.41
N LYS B 290 2.03 1.14 -18.29
CA LYS B 290 2.49 1.63 -17.00
C LYS B 290 3.43 0.62 -16.36
N VAL B 291 4.68 1.02 -16.17
CA VAL B 291 5.68 0.15 -15.55
C VAL B 291 5.24 -0.40 -14.20
N ASP B 292 4.36 0.33 -13.50
CA ASP B 292 3.88 -0.11 -12.21
C ASP B 292 3.26 -1.50 -12.27
N ARG B 293 2.62 -1.82 -13.39
CA ARG B 293 1.99 -3.12 -13.55
C ARG B 293 2.92 -4.10 -14.26
N SER B 294 3.22 -3.79 -15.52
CA SER B 294 4.07 -4.64 -16.34
C SER B 294 5.36 -5.07 -15.70
N ALA B 295 6.18 -4.12 -15.30
CA ALA B 295 7.48 -4.41 -14.69
C ALA B 295 7.35 -5.19 -13.39
N ALA B 296 6.28 -4.96 -12.65
CA ALA B 296 6.07 -5.69 -11.41
C ALA B 296 5.81 -7.15 -11.73
N TYR B 297 5.07 -7.37 -12.80
CA TYR B 297 4.75 -8.71 -13.27
C TYR B 297 6.05 -9.39 -13.73
N ALA B 298 6.85 -8.65 -14.49
CA ALA B 298 8.12 -9.14 -15.01
C ALA B 298 9.06 -9.54 -13.88
N ALA B 299 9.11 -8.72 -12.84
CA ALA B 299 9.95 -8.98 -11.69
C ALA B 299 9.53 -10.25 -10.97
N ARG B 300 8.21 -10.48 -10.89
CA ARG B 300 7.68 -11.68 -10.25
C ARG B 300 8.11 -12.87 -11.09
N TRP B 301 8.00 -12.70 -12.40
CA TRP B 301 8.33 -13.72 -13.36
C TRP B 301 9.74 -14.25 -13.12
N VAL B 302 10.73 -13.36 -13.17
CA VAL B 302 12.12 -13.78 -12.97
C VAL B 302 12.35 -14.39 -11.59
N ALA B 303 11.67 -13.86 -10.59
CA ALA B 303 11.82 -14.39 -9.23
C ALA B 303 11.35 -15.84 -9.20
N LYS B 304 10.15 -16.08 -9.73
CA LYS B 304 9.58 -17.42 -9.77
C LYS B 304 10.44 -18.35 -10.61
N SER B 305 11.00 -17.83 -11.69
CA SER B 305 11.85 -18.60 -12.57
C SER B 305 13.12 -19.06 -11.85
N LEU B 306 13.73 -18.14 -11.11
CA LEU B 306 14.96 -18.43 -10.38
C LEU B 306 14.82 -19.59 -9.39
N VAL B 307 13.82 -19.51 -8.51
CA VAL B 307 13.61 -20.57 -7.53
C VAL B 307 13.24 -21.88 -8.21
N LYS B 308 12.41 -21.78 -9.25
CA LYS B 308 11.95 -22.95 -9.99
C LYS B 308 13.14 -23.64 -10.63
N ALA B 309 14.12 -22.84 -11.05
CA ALA B 309 15.32 -23.35 -11.70
C ALA B 309 16.36 -23.84 -10.69
N GLY B 310 15.95 -23.93 -9.42
CA GLY B 310 16.84 -24.40 -8.37
C GLY B 310 17.96 -23.46 -7.97
N LEU B 311 18.02 -22.30 -8.59
CA LEU B 311 19.06 -21.31 -8.32
C LEU B 311 18.97 -20.62 -6.96
N CYS B 312 17.91 -20.91 -6.21
CA CYS B 312 17.69 -20.31 -4.89
C CYS B 312 16.35 -20.78 -4.31
N ARG B 313 16.22 -20.66 -2.99
CA ARG B 313 14.99 -21.08 -2.31
C ARG B 313 14.08 -19.89 -1.98
N ARG B 314 14.65 -18.68 -2.08
CA ARG B 314 13.92 -17.46 -1.77
C ARG B 314 14.65 -16.26 -2.37
N VAL B 315 13.95 -15.48 -3.19
CA VAL B 315 14.53 -14.32 -3.84
C VAL B 315 13.68 -13.07 -3.80
N LEU B 316 14.38 -11.94 -3.82
CA LEU B 316 13.77 -10.63 -3.83
C LEU B 316 14.49 -9.89 -4.94
N VAL B 317 13.95 -9.99 -6.14
CA VAL B 317 14.55 -9.31 -7.28
C VAL B 317 14.05 -7.88 -7.33
N GLN B 318 14.99 -6.96 -7.51
CA GLN B 318 14.70 -5.54 -7.54
C GLN B 318 15.10 -4.94 -8.88
N VAL B 319 14.10 -4.52 -9.67
CA VAL B 319 14.38 -3.92 -10.97
C VAL B 319 14.08 -2.42 -10.99
N SER B 320 15.09 -1.61 -11.31
CA SER B 320 14.93 -0.16 -11.38
C SER B 320 14.89 0.34 -12.81
N TYR B 321 14.11 1.39 -13.05
CA TYR B 321 13.99 1.99 -14.38
C TYR B 321 14.24 3.48 -14.31
N ALA B 322 14.70 4.03 -15.42
CA ALA B 322 14.97 5.45 -15.55
C ALA B 322 14.04 6.03 -16.60
N ILE B 323 13.38 7.12 -16.26
CA ILE B 323 12.44 7.78 -17.17
C ILE B 323 13.11 8.08 -18.51
N GLY B 324 12.51 7.58 -19.58
CA GLY B 324 13.06 7.79 -20.92
C GLY B 324 13.81 6.57 -21.41
N VAL B 325 14.62 5.98 -20.53
CA VAL B 325 15.41 4.81 -20.87
C VAL B 325 14.56 3.54 -20.94
N ALA B 326 14.83 2.70 -21.93
CA ALA B 326 14.11 1.44 -22.13
C ALA B 326 14.71 0.32 -21.30
N GLU B 327 16.02 0.12 -21.45
CA GLU B 327 16.72 -0.94 -20.72
C GLU B 327 16.73 -0.59 -19.23
N PRO B 328 16.42 -1.56 -18.35
CA PRO B 328 16.39 -1.35 -16.91
C PRO B 328 17.68 -0.73 -16.34
N LEU B 329 17.51 0.28 -15.48
CA LEU B 329 18.61 0.99 -14.84
C LEU B 329 19.04 0.29 -13.55
N SER B 330 19.62 -0.89 -13.70
CA SER B 330 20.14 -1.67 -12.60
C SER B 330 19.09 -2.60 -11.97
N ILE B 331 19.38 -3.88 -12.07
CA ILE B 331 18.54 -4.90 -11.46
C ILE B 331 19.37 -5.53 -10.34
N SER B 332 18.73 -5.78 -9.20
CA SER B 332 19.40 -6.38 -8.07
C SER B 332 18.67 -7.64 -7.64
N ILE B 333 19.44 -8.71 -7.44
CA ILE B 333 18.86 -9.97 -7.01
C ILE B 333 19.17 -10.15 -5.55
N PHE B 334 18.15 -10.43 -4.75
CA PHE B 334 18.36 -10.59 -3.32
C PHE B 334 17.90 -11.94 -2.79
N THR B 335 18.86 -12.83 -2.77
CA THR B 335 18.69 -14.14 -2.16
C THR B 335 19.04 -13.94 -0.70
N TYR B 336 18.58 -14.84 0.16
CA TYR B 336 18.88 -14.70 1.57
C TYR B 336 19.85 -15.80 1.96
N GLY B 337 20.88 -15.99 1.15
CA GLY B 337 21.86 -17.03 1.38
C GLY B 337 21.28 -18.39 1.07
N THR B 338 20.29 -18.41 0.18
CA THR B 338 19.62 -19.64 -0.21
C THR B 338 20.15 -20.14 -1.56
N SER B 339 21.01 -19.34 -2.19
CA SER B 339 21.59 -19.68 -3.48
C SER B 339 23.04 -20.14 -3.37
N LYS B 340 23.43 -21.05 -4.25
CA LYS B 340 24.80 -21.54 -4.27
C LYS B 340 25.58 -20.75 -5.32
N LYS B 341 24.88 -20.22 -6.32
CA LYS B 341 25.53 -19.47 -7.39
C LYS B 341 26.20 -18.17 -7.00
N THR B 342 25.56 -17.38 -6.15
CA THR B 342 26.12 -16.13 -5.64
C THR B 342 25.68 -14.93 -6.47
N GLU B 343 24.95 -14.02 -5.82
CA GLU B 343 24.58 -12.77 -6.47
C GLU B 343 25.74 -12.12 -7.23
N ARG B 344 25.48 -11.93 -8.51
CA ARG B 344 26.42 -11.45 -9.51
C ARG B 344 27.11 -12.65 -10.16
N GLU B 345 26.32 -13.71 -10.22
CA GLU B 345 26.44 -14.90 -11.02
C GLU B 345 25.00 -15.18 -11.48
N LEU B 346 24.08 -14.89 -10.56
CA LEU B 346 22.66 -15.01 -10.79
C LEU B 346 22.17 -13.81 -11.60
N LEU B 347 22.86 -12.69 -11.48
CA LEU B 347 22.49 -11.50 -12.22
C LEU B 347 22.78 -11.73 -13.71
N GLU B 348 23.90 -12.39 -13.99
CA GLU B 348 24.24 -12.68 -15.37
C GLU B 348 23.27 -13.71 -15.92
N VAL B 349 22.80 -14.60 -15.05
CA VAL B 349 21.82 -15.61 -15.46
C VAL B 349 20.57 -14.88 -15.89
N VAL B 350 20.19 -13.86 -15.13
CA VAL B 350 19.00 -13.07 -15.43
C VAL B 350 19.23 -12.21 -16.68
N ASN B 351 20.45 -11.67 -16.82
CA ASN B 351 20.76 -10.84 -17.97
C ASN B 351 20.91 -11.63 -19.26
N LYS B 352 21.10 -12.95 -19.14
CA LYS B 352 21.24 -13.80 -20.30
C LYS B 352 19.93 -14.52 -20.65
N ASN B 353 18.98 -14.50 -19.73
CA ASN B 353 17.70 -15.16 -19.93
C ASN B 353 16.52 -14.19 -20.04
N PHE B 354 16.69 -12.96 -19.55
CA PHE B 354 15.61 -11.97 -19.58
C PHE B 354 15.94 -10.62 -20.20
N ASP B 355 14.93 -10.05 -20.87
CA ASP B 355 15.02 -8.73 -21.50
C ASP B 355 13.88 -7.92 -20.90
N LEU B 356 14.13 -7.36 -19.72
CA LEU B 356 13.13 -6.60 -18.98
C LEU B 356 12.77 -5.21 -19.49
N ARG B 357 12.96 -4.96 -20.78
CA ARG B 357 12.56 -3.65 -21.33
C ARG B 357 11.04 -3.66 -21.41
N PRO B 358 10.38 -2.54 -21.06
CA PRO B 358 8.92 -2.41 -21.08
C PRO B 358 8.20 -3.06 -22.26
N GLY B 359 8.59 -2.65 -23.46
CA GLY B 359 7.98 -3.20 -24.66
C GLY B 359 8.11 -4.71 -24.80
N VAL B 360 9.29 -5.24 -24.51
CA VAL B 360 9.53 -6.67 -24.61
C VAL B 360 8.71 -7.42 -23.58
N ILE B 361 8.53 -6.81 -22.42
CA ILE B 361 7.75 -7.41 -21.34
C ILE B 361 6.32 -7.66 -21.79
N VAL B 362 5.69 -6.63 -22.34
CA VAL B 362 4.31 -6.77 -22.79
C VAL B 362 4.18 -7.80 -23.90
N ARG B 363 5.19 -7.90 -24.76
CA ARG B 363 5.16 -8.84 -25.87
C ARG B 363 5.35 -10.27 -25.37
N ASP B 364 6.36 -10.47 -24.53
CA ASP B 364 6.66 -11.78 -23.98
C ASP B 364 5.58 -12.29 -23.02
N LEU B 365 5.02 -11.38 -22.24
CA LEU B 365 3.99 -11.76 -21.28
C LEU B 365 2.58 -11.64 -21.83
N ASP B 366 2.46 -11.27 -23.10
CA ASP B 366 1.15 -11.13 -23.75
C ASP B 366 0.25 -10.21 -22.92
N LEU B 367 0.76 -9.03 -22.58
CA LEU B 367 0.03 -8.06 -21.76
C LEU B 367 -1.04 -7.23 -22.43
N LYS B 368 -1.34 -7.49 -23.70
CA LYS B 368 -2.39 -6.75 -24.39
C LYS B 368 -3.68 -7.54 -24.33
N LYS B 369 -3.59 -8.72 -23.72
CA LYS B 369 -4.73 -9.62 -23.59
C LYS B 369 -5.61 -9.21 -22.41
N PRO B 370 -6.94 -9.31 -22.56
CA PRO B 370 -7.85 -8.94 -21.48
C PRO B 370 -8.00 -10.00 -20.40
N ILE B 371 -7.00 -10.08 -19.52
CA ILE B 371 -7.02 -11.03 -18.40
C ILE B 371 -7.01 -10.26 -17.09
N TYR B 372 -6.94 -8.94 -17.19
CA TYR B 372 -6.86 -8.06 -16.03
C TYR B 372 -7.97 -8.14 -14.98
N GLN B 373 -9.21 -8.46 -15.37
CA GLN B 373 -10.27 -8.53 -14.37
C GLN B 373 -10.06 -9.69 -13.40
N LYS B 374 -9.66 -10.84 -13.92
CA LYS B 374 -9.44 -11.99 -13.05
C LYS B 374 -8.19 -11.75 -12.20
N THR B 375 -7.41 -10.75 -12.56
CA THR B 375 -6.20 -10.41 -11.80
C THR B 375 -6.57 -9.46 -10.66
N ALA B 376 -7.72 -8.81 -10.79
CA ALA B 376 -8.22 -7.85 -9.83
C ALA B 376 -8.73 -8.39 -8.50
N CYS B 377 -8.64 -9.70 -8.30
CA CYS B 377 -9.08 -10.26 -7.04
C CYS B 377 -8.37 -11.58 -6.75
N TYR B 378 -8.23 -11.89 -5.47
CA TYR B 378 -7.55 -13.11 -5.05
C TYR B 378 -6.05 -13.10 -5.36
N GLY B 379 -5.48 -11.91 -5.51
CA GLY B 379 -4.06 -11.78 -5.76
C GLY B 379 -3.57 -11.84 -7.19
N HIS B 380 -2.60 -10.99 -7.50
CA HIS B 380 -2.00 -10.92 -8.83
C HIS B 380 -0.92 -11.98 -9.01
N PHE B 381 -0.29 -12.37 -7.91
CA PHE B 381 0.79 -13.35 -7.96
C PHE B 381 0.41 -14.66 -7.31
N GLY B 382 0.84 -15.76 -7.91
CA GLY B 382 0.54 -17.07 -7.37
C GLY B 382 -0.15 -17.98 -8.36
N ARG B 383 -1.27 -17.50 -8.93
CA ARG B 383 -2.04 -18.28 -9.90
C ARG B 383 -1.30 -18.51 -11.21
N SER B 384 -1.10 -19.78 -11.55
CA SER B 384 -0.38 -20.19 -12.75
C SER B 384 -1.00 -19.79 -14.09
N GLU B 385 -2.28 -19.46 -14.10
CA GLU B 385 -2.97 -19.10 -15.34
C GLU B 385 -2.53 -17.77 -15.94
N PHE B 386 -1.66 -17.05 -15.24
CA PHE B 386 -1.16 -15.77 -15.74
C PHE B 386 0.23 -15.97 -16.33
N PRO B 387 0.52 -15.30 -17.46
CA PRO B 387 1.80 -15.38 -18.16
C PRO B 387 3.03 -15.27 -17.27
N TRP B 388 3.05 -14.24 -16.41
CA TRP B 388 4.17 -14.02 -15.52
C TRP B 388 4.36 -15.12 -14.47
N GLU B 389 3.38 -16.01 -14.34
CA GLU B 389 3.48 -17.10 -13.37
C GLU B 389 4.03 -18.38 -13.98
N VAL B 390 4.28 -18.34 -15.29
CA VAL B 390 4.85 -19.49 -16.00
C VAL B 390 6.36 -19.26 -15.98
N PRO B 391 7.10 -20.10 -15.24
CA PRO B 391 8.55 -20.00 -15.13
C PRO B 391 9.26 -20.11 -16.47
N LYS B 392 10.23 -19.24 -16.70
CA LYS B 392 10.99 -19.29 -17.93
C LYS B 392 12.03 -20.39 -17.76
N LYS B 393 12.51 -20.96 -18.86
CA LYS B 393 13.47 -22.05 -18.81
C LYS B 393 14.73 -21.79 -17.98
N LEU B 394 15.45 -20.72 -18.30
CA LEU B 394 16.69 -20.35 -17.63
C LEU B 394 17.83 -21.30 -18.01
N VAL B 395 18.55 -20.93 -19.06
CA VAL B 395 19.66 -21.71 -19.58
C VAL B 395 20.94 -21.66 -18.74
N PHE B 396 20.94 -20.82 -17.69
CA PHE B 396 22.10 -20.66 -16.81
C PHE B 396 23.27 -19.98 -17.50
N LIS C . -0.21 16.26 -12.89
CA LIS C . 0.73 15.31 -13.43
CB LIS C . 1.55 15.81 -14.67
CG LIS C . 0.98 17.04 -15.27
C LIS C . 1.75 14.99 -12.40
CD LIS C . 1.45 17.56 -16.59
O LIS C . 2.78 14.28 -12.68
OXT LIS C . 1.61 15.43 -11.21
OD1 LIS C . 0.15 16.88 -16.45
P PO4 D . 7.26 11.87 -12.16
O1 PO4 D . 7.75 12.87 -11.05
O2 PO4 D . 6.96 12.72 -13.44
O3 PO4 D . 5.93 11.25 -11.74
O4 PO4 D . 8.27 10.78 -12.42
MG MG E . 5.88 12.40 -15.48
MG MG F . 2.28 13.51 -9.64
MG MG G . 2.11 8.19 -6.74
K K H . -3.43 1.18 0.37
PG ATP I . 0.26 10.88 -9.08
O1G ATP I . -0.71 10.32 -8.05
O2G ATP I . 0.71 9.73 -10.00
O3G ATP I . 1.47 11.42 -8.35
PB ATP I . -1.76 12.89 -9.61
O1B ATP I . -2.47 12.56 -8.30
O2B ATP I . -1.62 14.40 -9.87
O3B ATP I . -0.55 11.99 -9.97
PA ATP I . -3.86 11.02 -11.11
O1A ATP I . -4.29 10.39 -9.77
O2A ATP I . -4.86 11.62 -12.11
O3A ATP I . -2.76 12.33 -10.78
O5' ATP I . -3.34 9.61 -12.01
C5' ATP I . -2.03 9.22 -12.66
C4' ATP I . -1.39 7.71 -12.83
O4' ATP I . -2.20 6.76 -13.71
C3' ATP I . -0.03 7.85 -13.63
O3' ATP I . 1.05 7.09 -13.02
C2' ATP I . -0.33 7.39 -15.10
O2' ATP I . 0.51 6.32 -15.54
C1' ATP I . -1.83 6.98 -15.15
N9 ATP I . -2.73 7.70 -16.18
C8 ATP I . -3.68 8.71 -15.98
N7 ATP I . -4.33 9.12 -17.11
C5 ATP I . -3.76 8.33 -18.07
C6 ATP I . -4.04 8.30 -19.54
N6 ATP I . -4.96 9.08 -20.09
N1 ATP I . -3.35 7.41 -20.33
C2 ATP I . -2.40 6.59 -19.80
N3 ATP I . -2.14 6.63 -18.42
C4 ATP I . -2.76 7.46 -17.52
P PO4 J . -1.20 4.67 -6.89
O1 PO4 J . -0.08 4.82 -5.94
O2 PO4 J . -2.08 5.94 -6.74
O3 PO4 J . -1.92 3.40 -6.41
O4 PO4 J . -0.61 4.52 -8.25
K K K . -5.20 3.04 -9.24
#